data_3MJR
#
_entry.id   3MJR
#
_cell.length_a   97.310
_cell.length_b   97.310
_cell.length_c   121.500
_cell.angle_alpha   90.00
_cell.angle_beta   90.00
_cell.angle_gamma   90.00
#
_symmetry.space_group_name_H-M   'P 41'
#
loop_
_entity.id
_entity.type
_entity.pdbx_description
1 polymer 'Deoxycytidine kinase'
2 non-polymer 9-HYROXYETHOXYMETHYLGUANINE
3 non-polymer "URIDINE-5'-DIPHOSPHATE"
4 water water
#
_entity_poly.entity_id   1
_entity_poly.type   'polypeptide(L)'
_entity_poly.pdbx_seq_one_letter_code
;MGSSHHHHHHSGLVPRGSHMATPPKRSSPSFSASSEGTRIKKISIEGNIAAGKSTFVNILKQLSEDWEVVPEPVARWSNV
QSTQDEFEELTMSQKNGGNVLQMMYEKPERWSFTFQTYACLSRIRAQLASLNGKLKDAEKPVLFFERSVYSDRYIFASNL
YESESMNETEWTIYQDWHDWMNNQFGQSLELDGIIYLQATPETCLHRIYLRGRNEEQGIPLEYLEKLHYKHESWLLHRTL
KTNFDYLQEVPILTLDVNEDFKDKYESLVEKVKEFLSTL
;
_entity_poly.pdbx_strand_id   A,B,C,D
#
loop_
_chem_comp.id
_chem_comp.type
_chem_comp.name
_chem_comp.formula
AC2 non-polymer 9-HYROXYETHOXYMETHYLGUANINE 'C8 H11 N5 O3'
UDP RNA linking URIDINE-5'-DIPHOSPHATE 'C9 H14 N2 O12 P2'
#
# COMPACT_ATOMS: atom_id res chain seq x y z
N ARG A 39 -5.32 -27.91 -2.04
CA ARG A 39 -6.37 -28.28 -3.03
C ARG A 39 -5.87 -28.05 -4.46
N ILE A 40 -5.14 -26.94 -4.65
CA ILE A 40 -4.48 -26.64 -5.91
C ILE A 40 -3.37 -27.66 -6.15
N LYS A 41 -3.30 -28.17 -7.37
CA LYS A 41 -2.14 -28.96 -7.77
C LYS A 41 -1.09 -28.01 -8.30
N LYS A 42 0.16 -28.19 -7.85
CA LYS A 42 1.29 -27.39 -8.31
C LYS A 42 2.20 -28.22 -9.18
N ILE A 43 2.31 -27.86 -10.45
CA ILE A 43 3.12 -28.63 -11.39
C ILE A 43 4.07 -27.71 -12.16
N SER A 44 5.34 -28.13 -12.21
CA SER A 44 6.38 -27.40 -12.89
C SER A 44 6.50 -27.90 -14.33
N ILE A 45 6.77 -26.98 -15.25
CA ILE A 45 7.19 -27.32 -16.60
C ILE A 45 8.68 -26.97 -16.69
N GLU A 46 9.52 -27.99 -16.84
CA GLU A 46 10.97 -27.82 -16.95
C GLU A 46 11.47 -28.32 -18.29
N GLY A 47 12.69 -27.90 -18.64
CA GLY A 47 13.30 -28.26 -19.92
C GLY A 47 14.39 -27.29 -20.33
N ASN A 48 15.27 -27.74 -21.23
CA ASN A 48 16.33 -26.89 -21.77
C ASN A 48 15.76 -25.63 -22.44
N ILE A 49 16.62 -24.63 -22.68
CA ILE A 49 16.25 -23.39 -23.37
C ILE A 49 15.75 -23.68 -24.77
N ALA A 50 14.58 -23.09 -25.09
CA ALA A 50 13.88 -23.31 -26.36
C ALA A 50 13.46 -24.77 -26.58
N ALA A 51 13.02 -25.40 -25.50
CA ALA A 51 12.38 -26.72 -25.56
C ALA A 51 10.95 -26.57 -26.12
N GLY A 52 10.36 -25.42 -25.84
CA GLY A 52 8.96 -25.15 -26.14
C GLY A 52 8.11 -25.14 -24.87
N LYS A 53 8.72 -24.80 -23.74
CA LYS A 53 8.01 -24.74 -22.45
C LYS A 53 6.90 -23.71 -22.49
N SER A 54 7.22 -22.56 -23.07
CA SER A 54 6.33 -21.40 -23.15
C SER A 54 5.24 -21.65 -24.18
N THR A 55 5.55 -22.40 -25.24
CA THR A 55 4.52 -22.84 -26.18
C THR A 55 3.57 -23.80 -25.46
N PHE A 56 4.14 -24.81 -24.80
CA PHE A 56 3.35 -25.87 -24.17
C PHE A 56 2.40 -25.36 -23.09
N VAL A 57 2.90 -24.49 -22.23
CA VAL A 57 2.08 -23.93 -21.17
C VAL A 57 0.95 -23.06 -21.76
N ASN A 58 1.24 -22.34 -22.84
CA ASN A 58 0.22 -21.55 -23.52
C ASN A 58 -0.82 -22.39 -24.28
N ILE A 59 -0.51 -23.66 -24.52
CA ILE A 59 -1.47 -24.63 -25.07
C ILE A 59 -2.40 -25.18 -23.97
N LEU A 60 -1.82 -25.49 -22.82
CA LEU A 60 -2.56 -26.06 -21.69
C LEU A 60 -3.53 -25.06 -21.06
N LYS A 61 -3.22 -23.77 -21.09
CA LYS A 61 -4.09 -22.78 -20.44
C LYS A 61 -5.42 -22.56 -21.18
N GLN A 62 -5.48 -22.97 -22.45
CA GLN A 62 -6.65 -22.76 -23.28
C GLN A 62 -7.67 -23.90 -23.17
N LEU A 63 -7.31 -24.96 -22.45
CA LEU A 63 -8.06 -26.21 -22.49
C LEU A 63 -9.07 -26.38 -21.38
N SER A 64 -8.71 -25.92 -20.19
CA SER A 64 -9.49 -26.20 -18.99
C SER A 64 -9.61 -24.96 -18.12
N GLU A 65 -10.82 -24.72 -17.63
CA GLU A 65 -11.10 -23.60 -16.73
C GLU A 65 -10.31 -23.69 -15.45
N ASP A 66 -9.96 -24.92 -15.07
CA ASP A 66 -9.26 -25.20 -13.81
C ASP A 66 -7.75 -25.09 -13.91
N TRP A 67 -7.26 -24.81 -15.12
CA TRP A 67 -5.82 -24.76 -15.38
C TRP A 67 -5.41 -23.32 -15.58
N GLU A 68 -4.33 -22.91 -14.91
CA GLU A 68 -3.78 -21.55 -15.07
C GLU A 68 -2.26 -21.58 -15.21
N VAL A 69 -1.72 -20.48 -15.73
CA VAL A 69 -0.32 -20.37 -16.12
C VAL A 69 0.37 -19.25 -15.35
N VAL A 70 1.62 -19.50 -14.97
CA VAL A 70 2.50 -18.49 -14.37
C VAL A 70 3.76 -18.45 -15.22
N PRO A 71 3.83 -17.51 -16.20
CA PRO A 71 4.97 -17.51 -17.11
C PRO A 71 6.25 -17.06 -16.46
N GLU A 72 7.33 -17.14 -17.24
CA GLU A 72 8.66 -16.82 -16.80
C GLU A 72 8.83 -15.33 -16.58
N PRO A 73 9.02 -14.89 -15.31
CA PRO A 73 9.30 -13.46 -15.14
C PRO A 73 10.44 -13.05 -16.06
N VAL A 74 11.41 -13.97 -16.24
CA VAL A 74 12.60 -13.77 -17.03
C VAL A 74 12.40 -13.74 -18.55
N ALA A 75 11.20 -14.12 -19.02
CA ALA A 75 10.92 -14.03 -20.46
C ALA A 75 10.32 -12.66 -20.80
N ARG A 76 9.75 -12.00 -19.79
CA ARG A 76 9.20 -10.65 -19.93
C ARG A 76 10.25 -9.54 -19.80
N TRP A 77 11.50 -9.93 -19.57
CA TRP A 77 12.60 -8.98 -19.47
C TRP A 77 13.28 -8.77 -20.82
N SER A 78 12.84 -9.50 -21.83
CA SER A 78 13.34 -9.37 -23.19
C SER A 78 12.51 -8.39 -24.00
N ASN A 79 11.19 -8.40 -23.75
CA ASN A 79 10.26 -7.40 -24.24
C ASN A 79 8.89 -7.60 -23.60
N LEU A 90 8.16 2.21 -16.61
CA LEU A 90 7.10 1.28 -16.98
C LEU A 90 7.26 -0.05 -16.26
N THR A 91 6.79 -0.11 -15.01
CA THR A 91 7.05 -1.21 -14.07
C THR A 91 8.55 -1.39 -13.79
N MET A 92 9.02 -0.78 -12.69
CA MET A 92 10.42 -0.86 -12.30
C MET A 92 10.95 -2.30 -12.30
N SER A 93 10.07 -3.26 -12.06
CA SER A 93 10.40 -4.68 -12.22
C SER A 93 11.02 -4.96 -13.59
N GLN A 94 10.29 -4.62 -14.65
CA GLN A 94 10.79 -4.77 -16.03
C GLN A 94 11.99 -3.88 -16.31
N LYS A 95 11.97 -2.67 -15.74
CA LYS A 95 13.10 -1.76 -15.83
C LYS A 95 14.34 -2.42 -15.24
N ASN A 96 14.19 -3.04 -14.07
CA ASN A 96 15.28 -3.73 -13.39
C ASN A 96 15.70 -5.03 -14.06
N GLY A 97 14.72 -5.85 -14.42
CA GLY A 97 14.97 -7.09 -15.14
C GLY A 97 15.59 -6.82 -16.50
N GLY A 98 14.97 -5.92 -17.26
CA GLY A 98 15.53 -5.45 -18.52
C GLY A 98 17.00 -5.10 -18.37
N ASN A 99 17.30 -4.19 -17.44
CA ASN A 99 18.70 -3.81 -17.17
C ASN A 99 19.61 -4.95 -16.68
N VAL A 100 19.20 -5.74 -15.69
CA VAL A 100 20.07 -6.87 -15.26
C VAL A 100 20.17 -8.01 -16.28
N LEU A 101 19.21 -8.12 -17.19
CA LEU A 101 19.31 -9.10 -18.28
C LEU A 101 20.48 -8.77 -19.22
N GLN A 102 20.52 -7.54 -19.74
CA GLN A 102 21.60 -7.13 -20.64
C GLN A 102 22.96 -7.14 -19.95
N MET A 103 23.04 -6.57 -18.75
CA MET A 103 24.31 -6.49 -18.03
C MET A 103 24.92 -7.86 -17.86
N MET A 104 24.07 -8.81 -17.51
CA MET A 104 24.42 -10.20 -17.42
C MET A 104 24.97 -10.77 -18.72
N TYR A 105 24.34 -10.44 -19.86
CA TYR A 105 24.82 -10.92 -21.15
C TYR A 105 26.13 -10.23 -21.49
N GLU A 106 26.24 -8.99 -21.02
CA GLU A 106 27.45 -8.23 -21.22
C GLU A 106 28.59 -8.62 -20.26
N LYS A 107 28.28 -9.04 -19.02
CA LYS A 107 29.33 -9.37 -18.04
C LYS A 107 28.92 -10.37 -16.93
N PRO A 108 28.88 -11.67 -17.25
CA PRO A 108 28.26 -12.65 -16.35
C PRO A 108 28.95 -12.83 -15.00
N GLU A 109 30.28 -12.80 -14.97
CA GLU A 109 31.03 -12.89 -13.70
C GLU A 109 30.91 -11.65 -12.80
N ARG A 110 30.48 -10.53 -13.37
CA ARG A 110 30.10 -9.37 -12.56
C ARG A 110 28.67 -9.44 -12.01
N TRP A 111 27.76 -10.08 -12.75
CA TRP A 111 26.31 -9.93 -12.54
C TRP A 111 25.50 -11.17 -12.20
N SER A 112 26.14 -12.35 -12.23
CA SER A 112 25.44 -13.62 -12.01
C SER A 112 24.71 -13.64 -10.70
N PHE A 113 25.39 -13.26 -9.61
CA PHE A 113 24.74 -13.26 -8.30
C PHE A 113 23.49 -12.39 -8.22
N THR A 114 23.57 -11.19 -8.79
CA THR A 114 22.50 -10.20 -8.75
C THR A 114 21.36 -10.65 -9.62
N PHE A 115 21.70 -11.07 -10.84
CA PHE A 115 20.79 -11.82 -11.66
C PHE A 115 20.92 -13.23 -11.13
N GLN A 116 19.79 -13.85 -10.82
CA GLN A 116 19.71 -15.16 -10.14
C GLN A 116 19.02 -14.95 -8.81
N THR A 117 19.55 -14.02 -8.01
CA THR A 117 18.85 -13.54 -6.82
C THR A 117 17.58 -12.75 -7.20
N TYR A 118 17.67 -11.86 -8.20
CA TYR A 118 16.51 -11.07 -8.61
C TYR A 118 15.45 -11.92 -9.34
N ALA A 119 15.91 -12.78 -10.25
CA ALA A 119 15.05 -13.71 -10.97
C ALA A 119 14.27 -14.63 -10.02
N CYS A 120 14.97 -15.17 -9.02
CA CYS A 120 14.35 -16.07 -8.05
C CYS A 120 13.33 -15.37 -7.14
N LEU A 121 13.68 -14.19 -6.61
CA LEU A 121 12.70 -13.37 -5.89
C LEU A 121 11.43 -13.11 -6.72
N SER A 122 11.61 -12.66 -7.96
CA SER A 122 10.52 -12.33 -8.88
C SER A 122 9.63 -13.54 -9.17
N ARG A 123 10.25 -14.70 -9.32
CA ARG A 123 9.52 -15.94 -9.50
C ARG A 123 8.75 -16.33 -8.24
N ILE A 124 9.40 -16.22 -7.07
CA ILE A 124 8.75 -16.50 -5.78
C ILE A 124 7.52 -15.60 -5.58
N ARG A 125 7.66 -14.32 -5.90
CA ARG A 125 6.54 -13.37 -5.82
C ARG A 125 5.43 -13.76 -6.81
N ALA A 126 5.80 -14.12 -8.04
CA ALA A 126 4.81 -14.49 -9.06
C ALA A 126 4.07 -15.79 -8.73
N GLN A 127 4.76 -16.74 -8.12
CA GLN A 127 4.14 -17.98 -7.65
C GLN A 127 3.19 -17.74 -6.46
N LEU A 128 3.59 -16.86 -5.55
CA LEU A 128 2.74 -16.54 -4.38
C LEU A 128 1.47 -15.80 -4.78
N ALA A 129 1.58 -14.89 -5.74
CA ALA A 129 0.43 -14.10 -6.18
C ALA A 129 -0.55 -14.91 -7.03
N SER A 130 -0.02 -15.72 -7.93
CA SER A 130 -0.88 -16.58 -8.76
C SER A 130 -1.66 -17.56 -7.90
N LEU A 131 -0.99 -18.10 -6.88
CA LEU A 131 -1.50 -19.18 -6.05
C LEU A 131 -2.71 -18.74 -5.23
N ASN A 132 -2.47 -18.25 -4.01
CA ASN A 132 -3.55 -17.76 -3.14
C ASN A 132 -4.21 -16.48 -3.64
N GLY A 133 -4.13 -16.23 -4.95
CA GLY A 133 -4.71 -15.04 -5.55
C GLY A 133 -5.20 -15.36 -6.94
N LYS A 134 -6.17 -16.28 -7.01
CA LYS A 134 -6.63 -16.79 -8.30
C LYS A 134 -8.06 -17.32 -8.25
N LEU A 135 -8.26 -18.51 -8.82
CA LEU A 135 -9.58 -19.09 -8.98
C LEU A 135 -9.74 -20.34 -8.14
N LYS A 136 -10.45 -20.21 -7.01
CA LYS A 136 -10.82 -21.36 -6.18
C LYS A 136 -12.09 -21.10 -5.33
N ASP A 137 -13.30 -21.24 -5.88
CA ASP A 137 -13.62 -21.68 -7.26
C ASP A 137 -12.92 -22.96 -7.73
N ALA A 138 -12.91 -23.18 -9.05
CA ALA A 138 -12.34 -24.38 -9.68
C ALA A 138 -12.81 -25.73 -9.10
N GLU A 139 -12.89 -26.75 -9.94
CA GLU A 139 -13.25 -28.09 -9.48
C GLU A 139 -11.99 -28.87 -9.15
N LYS A 140 -11.08 -28.96 -10.12
CA LYS A 140 -9.81 -29.62 -9.93
C LYS A 140 -8.69 -28.65 -10.32
N PRO A 141 -8.42 -27.65 -9.46
CA PRO A 141 -7.52 -26.54 -9.79
C PRO A 141 -6.09 -27.00 -10.03
N VAL A 142 -5.51 -26.61 -11.16
CA VAL A 142 -4.09 -26.91 -11.44
C VAL A 142 -3.36 -25.64 -11.89
N LEU A 143 -2.22 -25.39 -11.26
CA LEU A 143 -1.38 -24.28 -11.64
C LEU A 143 -0.07 -24.82 -12.22
N PHE A 144 0.18 -24.51 -13.48
CA PHE A 144 1.48 -24.81 -14.11
C PHE A 144 2.44 -23.63 -13.91
N PHE A 145 3.62 -23.92 -13.36
CA PHE A 145 4.67 -22.92 -13.22
C PHE A 145 5.65 -23.13 -14.35
N GLU A 146 5.92 -22.08 -15.09
CA GLU A 146 6.88 -22.18 -16.18
C GLU A 146 8.27 -22.03 -15.57
N ARG A 147 8.95 -23.16 -15.40
CA ARG A 147 10.14 -23.35 -14.53
C ARG A 147 9.79 -23.27 -13.05
N SER A 148 10.82 -23.22 -12.19
CA SER A 148 10.64 -23.28 -10.74
C SER A 148 11.87 -22.71 -10.05
N VAL A 149 11.74 -22.52 -8.73
CA VAL A 149 12.87 -22.08 -7.90
C VAL A 149 14.02 -23.08 -8.03
N TYR A 150 13.69 -24.31 -8.46
CA TYR A 150 14.66 -25.40 -8.52
C TYR A 150 15.49 -25.45 -9.81
N SER A 151 14.90 -25.15 -10.97
CA SER A 151 15.76 -24.97 -12.16
C SER A 151 16.65 -23.75 -11.98
N ASP A 152 16.13 -22.72 -11.33
CA ASP A 152 16.91 -21.50 -11.06
C ASP A 152 18.22 -21.86 -10.35
N ARG A 153 18.11 -22.71 -9.32
CA ARG A 153 19.22 -23.10 -8.47
C ARG A 153 20.10 -24.23 -9.02
N TYR A 154 19.50 -25.32 -9.48
CA TYR A 154 20.31 -26.49 -9.88
C TYR A 154 20.60 -26.60 -11.38
N ILE A 155 19.90 -25.82 -12.19
CA ILE A 155 20.27 -25.65 -13.60
C ILE A 155 21.14 -24.40 -13.77
N PHE A 156 20.56 -23.23 -13.55
CA PHE A 156 21.25 -21.99 -13.96
C PHE A 156 22.38 -21.55 -13.05
N ALA A 157 22.05 -21.27 -11.80
CA ALA A 157 23.04 -20.86 -10.80
C ALA A 157 24.24 -21.83 -10.71
N SER A 158 23.95 -23.12 -10.54
CA SER A 158 24.97 -24.16 -10.45
C SER A 158 25.83 -24.18 -11.71
N ASN A 159 25.20 -24.02 -12.87
CA ASN A 159 25.93 -23.89 -14.11
C ASN A 159 26.83 -22.67 -14.12
N LEU A 160 26.32 -21.55 -13.60
CA LEU A 160 27.12 -20.33 -13.56
C LEU A 160 28.30 -20.46 -12.56
N TYR A 161 28.08 -21.11 -11.42
CA TYR A 161 29.16 -21.44 -10.47
C TYR A 161 30.23 -22.36 -11.06
N GLU A 162 29.81 -23.39 -11.79
CA GLU A 162 30.75 -24.28 -12.47
C GLU A 162 31.61 -23.58 -13.51
N SER A 163 31.08 -22.48 -14.06
CA SER A 163 31.76 -21.67 -15.09
C SER A 163 32.48 -20.43 -14.56
N GLU A 164 32.64 -20.31 -13.25
CA GLU A 164 33.41 -19.20 -12.65
C GLU A 164 32.73 -17.84 -12.82
N SER A 165 31.45 -17.83 -13.16
CA SER A 165 30.71 -16.57 -13.18
C SER A 165 30.25 -16.16 -11.77
N MET A 166 30.28 -17.11 -10.86
CA MET A 166 30.17 -16.81 -9.44
C MET A 166 31.34 -17.49 -8.73
N ASN A 167 31.94 -16.78 -7.77
CA ASN A 167 32.98 -17.35 -6.91
C ASN A 167 32.33 -18.17 -5.79
N GLU A 168 33.14 -18.78 -4.92
CA GLU A 168 32.64 -19.65 -3.85
C GLU A 168 31.71 -18.92 -2.89
N THR A 169 32.14 -17.73 -2.47
CA THR A 169 31.42 -16.87 -1.55
C THR A 169 30.02 -16.54 -2.11
N GLU A 170 29.96 -16.12 -3.37
CA GLU A 170 28.70 -15.82 -4.06
C GLU A 170 27.76 -17.00 -4.12
N TRP A 171 28.27 -18.13 -4.60
CA TRP A 171 27.48 -19.37 -4.74
C TRP A 171 26.97 -19.83 -3.37
N THR A 172 27.86 -19.83 -2.37
CA THR A 172 27.49 -20.16 -0.98
C THR A 172 26.45 -19.20 -0.43
N ILE A 173 26.67 -17.90 -0.63
CA ILE A 173 25.66 -16.89 -0.24
C ILE A 173 24.33 -17.16 -0.97
N TYR A 174 24.38 -17.28 -2.31
CA TYR A 174 23.15 -17.60 -3.06
C TYR A 174 22.38 -18.77 -2.43
N GLN A 175 23.10 -19.85 -2.13
CA GLN A 175 22.52 -21.11 -1.66
C GLN A 175 21.83 -21.03 -0.30
N ASP A 176 22.41 -20.28 0.64
CA ASP A 176 21.74 -20.10 1.93
C ASP A 176 20.66 -19.03 1.85
N TRP A 177 20.77 -18.12 0.88
CA TRP A 177 19.66 -17.22 0.55
C TRP A 177 18.47 -18.02 -0.03
N HIS A 178 18.78 -19.01 -0.86
CA HIS A 178 17.77 -19.86 -1.49
C HIS A 178 17.24 -20.90 -0.50
N ASP A 179 18.13 -21.47 0.31
CA ASP A 179 17.77 -22.47 1.31
C ASP A 179 16.82 -21.86 2.33
N TRP A 180 17.24 -20.76 2.94
CA TRP A 180 16.47 -20.07 3.96
C TRP A 180 15.06 -19.72 3.51
N MET A 181 14.94 -19.18 2.30
CA MET A 181 13.73 -18.55 1.85
C MET A 181 12.66 -19.55 1.38
N ASN A 182 13.06 -20.55 0.61
CA ASN A 182 12.15 -21.60 0.16
C ASN A 182 11.81 -22.57 1.29
N ASN A 183 12.19 -22.21 2.51
CA ASN A 183 11.75 -22.92 3.70
C ASN A 183 10.89 -22.01 4.56
N GLN A 184 11.21 -20.71 4.53
CA GLN A 184 10.44 -19.70 5.22
C GLN A 184 9.14 -19.52 4.46
N PHE A 185 9.24 -19.05 3.22
CA PHE A 185 8.11 -18.87 2.32
C PHE A 185 8.17 -19.83 1.13
N GLY A 186 7.31 -20.84 1.16
CA GLY A 186 7.27 -21.86 0.11
C GLY A 186 7.26 -23.25 0.71
N SER A 188 4.32 -23.65 0.36
CA SER A 188 3.10 -23.39 -0.38
C SER A 188 3.32 -23.61 -1.86
N LEU A 189 4.55 -23.36 -2.30
CA LEU A 189 4.97 -23.43 -3.69
C LEU A 189 5.69 -24.76 -3.96
N GLU A 190 5.77 -25.62 -2.93
CA GLU A 190 6.24 -26.99 -3.12
C GLU A 190 5.34 -27.68 -4.13
N LEU A 191 5.89 -28.63 -4.88
CA LEU A 191 5.24 -29.10 -6.09
C LEU A 191 4.56 -30.45 -6.00
N ASP A 192 3.36 -30.52 -6.56
CA ASP A 192 2.63 -31.78 -6.66
C ASP A 192 3.19 -32.66 -7.78
N GLY A 193 3.87 -32.03 -8.74
CA GLY A 193 4.47 -32.76 -9.87
C GLY A 193 5.40 -31.95 -10.78
N ILE A 194 6.15 -32.66 -11.62
CA ILE A 194 7.01 -32.01 -12.61
C ILE A 194 6.82 -32.63 -13.99
N ILE A 195 6.74 -31.78 -15.00
CA ILE A 195 6.71 -32.24 -16.37
C ILE A 195 8.03 -31.89 -17.04
N TYR A 196 8.62 -32.90 -17.70
CA TYR A 196 9.91 -32.76 -18.34
C TYR A 196 9.76 -32.79 -19.88
N LEU A 197 9.85 -31.60 -20.47
CA LEU A 197 9.87 -31.44 -21.92
C LEU A 197 11.29 -31.60 -22.41
N GLN A 198 11.54 -32.76 -23.02
CA GLN A 198 12.87 -33.15 -23.43
C GLN A 198 13.06 -32.98 -24.93
N ALA A 199 14.10 -32.24 -25.26
CA ALA A 199 14.50 -32.03 -26.64
C ALA A 199 16.00 -32.21 -26.65
N THR A 200 16.59 -32.32 -27.83
CA THR A 200 18.06 -32.30 -27.95
C THR A 200 18.50 -30.85 -27.95
N PRO A 201 19.78 -30.59 -27.58
CA PRO A 201 20.31 -29.23 -27.73
C PRO A 201 20.21 -28.72 -29.16
N GLU A 202 20.22 -29.62 -30.14
CA GLU A 202 20.16 -29.24 -31.56
C GLU A 202 18.78 -28.72 -31.94
N THR A 203 17.75 -29.42 -31.47
CA THR A 203 16.37 -28.93 -31.55
C THR A 203 16.26 -27.60 -30.81
N CYS A 204 16.84 -27.54 -29.61
CA CYS A 204 16.89 -26.32 -28.81
C CYS A 204 17.55 -25.13 -29.54
N LEU A 205 18.75 -25.34 -30.10
CA LEU A 205 19.43 -24.30 -30.90
C LEU A 205 18.66 -23.91 -32.17
N HIS A 206 18.09 -24.92 -32.83
CA HIS A 206 17.17 -24.73 -33.96
C HIS A 206 16.00 -23.84 -33.54
N ARG A 207 15.42 -24.16 -32.39
CA ARG A 207 14.32 -23.38 -31.82
C ARG A 207 14.72 -22.02 -31.24
N ILE A 208 15.97 -21.89 -30.80
CA ILE A 208 16.47 -20.57 -30.37
C ILE A 208 16.50 -19.64 -31.59
N TYR A 209 17.01 -20.17 -32.68
CA TYR A 209 17.00 -19.52 -33.98
C TYR A 209 15.58 -19.21 -34.41
N LEU A 210 14.69 -20.19 -34.27
CA LEU A 210 13.30 -20.03 -34.69
C LEU A 210 12.61 -18.91 -33.92
N ARG A 211 12.88 -18.80 -32.62
CA ARG A 211 12.17 -17.86 -31.75
C ARG A 211 12.28 -16.38 -32.17
N GLY A 212 13.33 -15.70 -31.74
CA GLY A 212 13.44 -14.26 -31.94
C GLY A 212 14.87 -13.74 -31.87
N ARG A 213 15.61 -14.18 -30.85
CA ARG A 213 17.04 -13.87 -30.68
C ARG A 213 17.37 -12.41 -30.35
N ASN A 214 18.66 -12.14 -30.15
CA ASN A 214 19.18 -10.84 -29.71
C ASN A 214 18.63 -10.39 -28.34
N GLU A 215 19.53 -10.03 -27.43
CA GLU A 215 19.20 -9.74 -26.02
C GLU A 215 18.61 -10.96 -25.30
N GLU A 216 18.18 -11.95 -26.09
CA GLU A 216 17.82 -13.28 -25.61
C GLU A 216 18.85 -14.26 -26.16
N GLN A 217 19.03 -14.24 -27.49
CA GLN A 217 20.13 -14.91 -28.19
C GLN A 217 20.21 -16.43 -27.98
N GLY A 218 21.23 -17.04 -28.57
CA GLY A 218 21.46 -18.47 -28.37
C GLY A 218 22.93 -18.79 -28.31
N ILE A 219 23.59 -18.60 -29.46
CA ILE A 219 24.98 -19.02 -29.70
C ILE A 219 25.25 -20.49 -29.30
N PRO A 220 26.11 -20.73 -28.28
CA PRO A 220 26.80 -22.03 -28.19
C PRO A 220 25.90 -23.25 -28.17
N LEU A 221 26.16 -24.19 -29.06
CA LEU A 221 25.55 -25.51 -29.02
C LEU A 221 26.09 -26.25 -27.79
N GLU A 222 27.35 -25.95 -27.47
CA GLU A 222 28.08 -26.54 -26.35
C GLU A 222 27.48 -26.23 -24.97
N TYR A 223 27.01 -25.00 -24.80
CA TYR A 223 26.36 -24.58 -23.55
C TYR A 223 25.00 -25.28 -23.38
N LEU A 224 24.22 -25.32 -24.44
CA LEU A 224 22.93 -26.01 -24.42
C LEU A 224 23.11 -27.48 -24.05
N GLU A 225 24.24 -28.05 -24.46
CA GLU A 225 24.54 -29.44 -24.17
C GLU A 225 24.77 -29.65 -22.70
N LYS A 226 25.50 -28.73 -22.06
CA LYS A 226 25.71 -28.76 -20.61
C LYS A 226 24.37 -28.74 -19.86
N LEU A 227 23.52 -27.77 -20.19
CA LEU A 227 22.20 -27.63 -19.53
C LEU A 227 21.35 -28.88 -19.76
N HIS A 228 21.27 -29.32 -21.02
CA HIS A 228 20.58 -30.58 -21.33
C HIS A 228 21.05 -31.72 -20.43
N TYR A 229 22.36 -31.81 -20.18
CA TYR A 229 22.91 -32.87 -19.33
C TYR A 229 22.47 -32.73 -17.88
N LYS A 230 22.44 -31.50 -17.37
CA LYS A 230 21.98 -31.24 -15.98
C LYS A 230 20.51 -31.64 -15.72
N HIS A 231 19.65 -31.49 -16.74
CA HIS A 231 18.21 -31.83 -16.59
C HIS A 231 18.00 -33.35 -16.50
N GLU A 232 18.82 -34.10 -17.22
CA GLU A 232 18.74 -35.56 -17.17
C GLU A 232 18.98 -36.04 -15.74
N SER A 233 20.10 -35.60 -15.16
CA SER A 233 20.49 -35.98 -13.81
C SER A 233 19.42 -35.65 -12.77
N TRP A 234 18.80 -34.48 -12.92
CA TRP A 234 17.69 -34.11 -12.05
C TRP A 234 16.42 -34.90 -12.36
N LEU A 235 15.96 -34.83 -13.61
CA LEU A 235 14.61 -35.28 -13.93
C LEU A 235 14.44 -36.68 -14.57
N LEU A 236 15.51 -37.26 -15.12
CA LEU A 236 15.38 -38.55 -15.82
C LEU A 236 16.12 -39.73 -15.17
N HIS A 237 17.37 -39.52 -14.78
CA HIS A 237 18.09 -40.53 -13.99
C HIS A 237 17.80 -40.32 -12.52
N ARG A 238 17.50 -39.08 -12.15
CA ARG A 238 17.26 -38.64 -10.76
C ARG A 238 18.48 -38.89 -9.87
N THR A 239 19.65 -38.64 -10.44
CA THR A 239 20.93 -38.74 -9.73
C THR A 239 21.36 -37.42 -9.10
N LEU A 240 20.79 -36.30 -9.55
CA LEU A 240 21.10 -35.00 -8.96
C LEU A 240 20.34 -34.85 -7.64
N LYS A 241 21.08 -34.92 -6.54
CA LYS A 241 20.51 -34.79 -5.19
C LYS A 241 20.47 -33.33 -4.75
N THR A 242 19.27 -32.85 -4.41
CA THR A 242 19.08 -31.43 -4.09
C THR A 242 19.04 -31.21 -2.56
N ASN A 243 18.76 -29.97 -2.16
CA ASN A 243 18.58 -29.64 -0.75
C ASN A 243 17.10 -29.65 -0.35
N PHE A 244 16.33 -30.50 -1.02
CA PHE A 244 14.89 -30.61 -0.83
C PHE A 244 14.49 -32.07 -1.02
N ASP A 245 13.96 -32.67 0.04
CA ASP A 245 13.90 -34.12 0.06
C ASP A 245 12.52 -34.70 -0.28
N TYR A 246 11.54 -33.83 -0.45
CA TYR A 246 10.30 -34.27 -1.09
C TYR A 246 10.53 -34.38 -2.60
N LEU A 247 11.65 -33.83 -3.08
CA LEU A 247 11.95 -33.75 -4.51
C LEU A 247 12.65 -34.99 -5.07
N GLN A 248 13.35 -35.71 -4.20
CA GLN A 248 13.92 -37.02 -4.54
C GLN A 248 12.77 -37.98 -4.87
N GLU A 249 11.56 -37.62 -4.45
CA GLU A 249 10.41 -38.51 -4.54
C GLU A 249 9.19 -37.98 -5.29
N VAL A 250 9.28 -36.76 -5.83
CA VAL A 250 8.17 -36.14 -6.57
C VAL A 250 7.94 -36.83 -7.93
N PRO A 251 6.67 -37.15 -8.28
CA PRO A 251 6.36 -37.74 -9.58
C PRO A 251 6.78 -36.85 -10.75
N ILE A 252 7.41 -37.46 -11.76
CA ILE A 252 7.96 -36.74 -12.91
C ILE A 252 7.44 -37.31 -14.23
N LEU A 253 6.74 -36.46 -14.98
CA LEU A 253 6.30 -36.82 -16.34
C LEU A 253 7.31 -36.29 -17.35
N THR A 254 7.76 -37.15 -18.26
CA THR A 254 8.71 -36.76 -19.30
C THR A 254 8.10 -36.86 -20.70
N LEU A 255 7.98 -35.71 -21.37
CA LEU A 255 7.40 -35.62 -22.69
C LEU A 255 8.48 -35.31 -23.72
N ASP A 256 8.65 -36.22 -24.67
CA ASP A 256 9.52 -35.99 -25.82
C ASP A 256 8.88 -34.93 -26.70
N VAL A 257 9.53 -33.76 -26.80
CA VAL A 257 9.02 -32.64 -27.61
C VAL A 257 9.90 -32.33 -28.81
N ASN A 258 10.70 -33.30 -29.21
CA ASN A 258 11.55 -33.13 -30.38
C ASN A 258 10.75 -32.76 -31.64
N GLU A 259 9.72 -33.54 -31.97
CA GLU A 259 8.89 -33.20 -33.11
C GLU A 259 7.87 -32.12 -32.79
N ASP A 260 7.74 -31.15 -33.69
CA ASP A 260 6.84 -30.00 -33.53
C ASP A 260 5.44 -30.41 -33.03
N PHE A 261 4.96 -29.74 -31.99
CA PHE A 261 3.69 -30.11 -31.36
C PHE A 261 2.61 -29.01 -31.45
N LYS A 262 2.90 -27.97 -32.21
CA LYS A 262 1.98 -26.85 -32.42
C LYS A 262 0.63 -27.26 -33.03
N ASP A 263 0.68 -28.18 -33.99
CA ASP A 263 -0.52 -28.70 -34.65
C ASP A 263 -0.78 -30.16 -34.28
N LYS A 264 0.09 -30.72 -33.44
CA LYS A 264 -0.06 -32.12 -33.07
C LYS A 264 0.26 -32.28 -31.60
N TYR A 265 -0.60 -31.74 -30.73
CA TYR A 265 -0.33 -31.80 -29.29
C TYR A 265 -1.24 -32.72 -28.48
N GLU A 266 -2.21 -33.34 -29.15
CA GLU A 266 -3.22 -34.10 -28.43
C GLU A 266 -2.66 -35.23 -27.57
N SER A 267 -1.75 -36.02 -28.14
CA SER A 267 -1.14 -37.14 -27.41
C SER A 267 -0.30 -36.71 -26.20
N LEU A 268 0.33 -35.55 -26.31
CA LEU A 268 1.06 -34.99 -25.17
C LEU A 268 0.10 -34.54 -24.06
N VAL A 269 -0.94 -33.80 -24.44
CA VAL A 269 -1.94 -33.34 -23.46
C VAL A 269 -2.62 -34.55 -22.79
N GLU A 270 -2.86 -35.62 -23.54
CA GLU A 270 -3.45 -36.83 -22.94
C GLU A 270 -2.60 -37.36 -21.80
N LYS A 271 -1.28 -37.47 -22.01
CA LYS A 271 -0.35 -37.94 -20.98
C LYS A 271 -0.37 -37.06 -19.72
N VAL A 272 -0.36 -35.74 -19.92
CA VAL A 272 -0.50 -34.78 -18.84
C VAL A 272 -1.74 -35.10 -18.00
N LYS A 273 -2.89 -35.20 -18.65
CA LYS A 273 -4.14 -35.59 -18.00
C LYS A 273 -4.02 -36.93 -17.28
N GLU A 274 -3.45 -37.91 -17.96
CA GLU A 274 -3.19 -39.21 -17.33
C GLU A 274 -2.40 -39.01 -16.04
N PHE A 275 -1.38 -38.14 -16.10
CA PHE A 275 -0.46 -37.84 -14.99
C PHE A 275 -1.11 -37.11 -13.81
N LEU A 276 -1.96 -36.13 -14.09
CA LEU A 276 -2.55 -35.29 -13.06
C LEU A 276 -3.50 -36.06 -12.14
N SER A 277 -4.33 -36.90 -12.75
CA SER A 277 -5.30 -37.67 -11.98
C SER A 277 -4.67 -38.88 -11.24
N THR A 278 -3.33 -38.94 -11.21
CA THR A 278 -2.63 -39.85 -10.30
C THR A 278 -2.03 -39.10 -9.12
N LEU A 279 -1.97 -37.77 -9.22
CA LEU A 279 -1.35 -36.94 -8.18
C LEU A 279 -2.26 -36.75 -6.96
N ARG B 39 4.84 -10.16 22.47
CA ARG B 39 4.99 -10.10 23.95
C ARG B 39 6.34 -9.46 24.30
N ILE B 40 7.43 -10.11 23.87
CA ILE B 40 8.79 -9.59 23.99
C ILE B 40 8.96 -8.19 23.39
N LYS B 41 9.44 -7.25 24.20
CA LYS B 41 9.69 -5.88 23.76
C LYS B 41 10.95 -5.79 22.90
N LYS B 42 10.91 -4.95 21.87
CA LYS B 42 11.99 -4.88 20.87
C LYS B 42 12.47 -3.45 20.69
N ILE B 43 13.73 -3.17 21.01
CA ILE B 43 14.28 -1.82 20.90
C ILE B 43 15.65 -1.86 20.23
N SER B 44 15.73 -1.28 19.04
CA SER B 44 16.99 -1.19 18.31
C SER B 44 17.86 -0.04 18.83
N ILE B 45 19.14 -0.31 19.02
CA ILE B 45 20.08 0.76 19.35
C ILE B 45 20.67 1.33 18.06
N GLU B 46 20.47 2.63 17.81
CA GLU B 46 21.10 3.28 16.66
C GLU B 46 22.23 4.25 17.05
N GLY B 47 23.11 4.52 16.08
CA GLY B 47 24.27 5.39 16.24
C GLY B 47 25.29 5.27 15.12
N ASN B 48 25.99 6.38 14.83
CA ASN B 48 27.06 6.36 13.84
C ASN B 48 28.14 5.33 14.20
N ILE B 49 29.05 5.01 13.27
CA ILE B 49 30.20 4.16 13.60
C ILE B 49 30.86 4.55 14.92
N ALA B 50 31.32 3.53 15.65
CA ALA B 50 32.07 3.64 16.94
C ALA B 50 31.48 4.56 18.04
N ALA B 51 30.19 4.84 17.92
CA ALA B 51 29.48 5.74 18.81
C ALA B 51 29.34 5.17 20.22
N GLY B 52 29.49 3.85 20.34
CA GLY B 52 29.38 3.14 21.62
C GLY B 52 28.21 2.17 21.81
N LYS B 53 27.69 1.60 20.73
CA LYS B 53 26.52 0.70 20.78
C LYS B 53 26.81 -0.66 21.43
N SER B 54 27.84 -1.36 20.96
CA SER B 54 28.22 -2.64 21.59
C SER B 54 28.50 -2.48 23.08
N THR B 55 29.27 -1.44 23.40
CA THR B 55 29.60 -1.11 24.78
C THR B 55 28.31 -0.95 25.61
N PHE B 56 27.39 -0.16 25.08
CA PHE B 56 26.10 0.16 25.69
C PHE B 56 25.21 -1.06 25.80
N VAL B 57 25.19 -1.87 24.74
CA VAL B 57 24.34 -3.05 24.71
C VAL B 57 24.88 -4.18 25.62
N ASN B 58 26.20 -4.34 25.70
CA ASN B 58 26.80 -5.34 26.59
C ASN B 58 26.52 -4.99 28.07
N ILE B 59 26.69 -3.71 28.41
CA ILE B 59 26.34 -3.20 29.72
C ILE B 59 24.83 -3.35 29.99
N LEU B 60 24.00 -3.01 29.03
CA LEU B 60 22.54 -3.13 29.23
C LEU B 60 22.08 -4.56 29.53
N LYS B 61 22.65 -5.55 28.83
CA LYS B 61 22.29 -6.97 29.02
C LYS B 61 22.73 -7.57 30.39
N GLN B 62 23.76 -7.00 30.99
CA GLN B 62 24.26 -7.45 32.30
C GLN B 62 23.36 -7.06 33.49
N LEU B 63 22.47 -6.10 33.28
CA LEU B 63 21.67 -5.50 34.36
C LEU B 63 20.35 -6.20 34.66
N SER B 64 19.97 -7.16 33.82
CA SER B 64 18.73 -7.88 34.01
C SER B 64 18.72 -9.17 33.23
N GLU B 65 18.16 -10.21 33.84
CA GLU B 65 17.92 -11.47 33.15
C GLU B 65 16.72 -11.30 32.22
N ASP B 66 15.93 -10.25 32.44
CA ASP B 66 14.88 -9.88 31.50
C ASP B 66 15.47 -9.19 30.26
N TRP B 67 16.69 -8.68 30.36
CA TRP B 67 17.31 -7.94 29.25
C TRP B 67 18.19 -8.79 28.34
N GLU B 68 17.69 -9.06 27.13
CA GLU B 68 18.42 -9.81 26.11
C GLU B 68 18.76 -8.94 24.88
N VAL B 69 19.77 -9.37 24.12
CA VAL B 69 20.31 -8.58 23.01
C VAL B 69 20.49 -9.44 21.75
N VAL B 70 20.38 -8.83 20.58
CA VAL B 70 20.86 -9.45 19.35
C VAL B 70 22.04 -8.64 18.79
N PRO B 71 23.25 -9.22 18.82
CA PRO B 71 24.43 -8.51 18.31
C PRO B 71 24.38 -8.31 16.79
N GLU B 72 24.97 -7.21 16.32
CA GLU B 72 25.05 -6.92 14.89
C GLU B 72 25.97 -7.92 14.15
N PRO B 73 25.49 -8.48 13.03
CA PRO B 73 26.26 -9.42 12.21
C PRO B 73 27.53 -8.84 11.58
N VAL B 74 27.49 -7.58 11.16
CA VAL B 74 28.66 -6.94 10.53
C VAL B 74 29.87 -6.98 11.46
N ALA B 75 29.78 -6.32 12.61
CA ALA B 75 30.79 -6.48 13.65
C ALA B 75 30.90 -7.97 13.92
N ARG B 76 32.14 -8.44 14.10
CA ARG B 76 32.46 -9.86 14.32
C ARG B 76 32.66 -10.66 13.03
N TRP B 77 32.19 -10.10 11.91
CA TRP B 77 32.60 -10.61 10.59
C TRP B 77 34.05 -10.19 10.32
N SER B 78 34.48 -9.10 10.94
CA SER B 78 35.89 -8.69 10.84
C SER B 78 36.76 -9.76 11.49
N ASN B 79 36.68 -9.85 12.81
CA ASN B 79 37.33 -10.92 13.58
C ASN B 79 36.87 -10.86 15.03
N GLN B 94 29.84 -17.61 8.55
CA GLN B 94 31.01 -17.01 9.20
C GLN B 94 32.11 -16.70 8.20
N LYS B 95 32.37 -17.69 7.34
CA LYS B 95 33.40 -17.62 6.32
C LYS B 95 32.97 -16.67 5.21
N ASN B 96 31.73 -16.85 4.75
CA ASN B 96 31.11 -15.93 3.80
C ASN B 96 31.14 -14.50 4.30
N GLY B 97 31.01 -14.33 5.61
CA GLY B 97 31.01 -13.00 6.25
C GLY B 97 32.37 -12.33 6.33
N GLY B 98 33.41 -13.12 6.55
CA GLY B 98 34.78 -12.62 6.48
C GLY B 98 35.11 -12.16 5.07
N ASN B 99 34.84 -13.02 4.08
CA ASN B 99 35.14 -12.71 2.67
C ASN B 99 34.48 -11.41 2.17
N VAL B 100 33.15 -11.34 2.11
CA VAL B 100 32.45 -10.12 1.63
C VAL B 100 32.93 -8.80 2.25
N LEU B 101 33.25 -8.82 3.54
CA LEU B 101 33.70 -7.62 4.22
C LEU B 101 35.05 -7.14 3.68
N GLN B 102 35.98 -8.08 3.51
CA GLN B 102 37.31 -7.79 2.95
C GLN B 102 37.23 -7.27 1.52
N MET B 103 36.38 -7.88 0.69
CA MET B 103 36.22 -7.44 -0.71
C MET B 103 35.52 -6.10 -0.81
N MET B 104 34.56 -5.91 0.08
CA MET B 104 33.80 -4.69 0.22
C MET B 104 34.71 -3.54 0.62
N TYR B 105 35.67 -3.83 1.51
CA TYR B 105 36.73 -2.88 1.84
C TYR B 105 37.59 -2.62 0.62
N GLU B 106 37.99 -3.71 -0.06
CA GLU B 106 38.93 -3.59 -1.18
C GLU B 106 38.32 -2.89 -2.39
N LYS B 107 37.00 -2.99 -2.54
CA LYS B 107 36.31 -2.49 -3.73
C LYS B 107 34.81 -2.41 -3.47
N PRO B 108 34.35 -1.29 -2.87
CA PRO B 108 32.92 -1.14 -2.56
C PRO B 108 32.01 -1.11 -3.79
N GLU B 109 32.52 -0.62 -4.92
CA GLU B 109 31.71 -0.55 -6.16
C GLU B 109 31.43 -1.92 -6.80
N ARG B 110 32.10 -2.97 -6.35
CA ARG B 110 31.83 -4.32 -6.83
C ARG B 110 30.91 -5.11 -5.89
N TRP B 111 31.10 -4.96 -4.59
CA TRP B 111 30.46 -5.87 -3.65
C TRP B 111 29.39 -5.29 -2.74
N SER B 112 29.06 -4.00 -2.90
CA SER B 112 28.10 -3.36 -2.01
C SER B 112 26.70 -3.98 -2.02
N PHE B 113 26.19 -4.34 -3.20
CA PHE B 113 24.89 -5.04 -3.30
C PHE B 113 24.91 -6.37 -2.58
N THR B 114 25.87 -7.21 -2.95
CA THR B 114 26.09 -8.51 -2.38
C THR B 114 26.21 -8.42 -0.85
N PHE B 115 27.10 -7.55 -0.39
CA PHE B 115 27.29 -7.32 1.05
C PHE B 115 26.02 -6.80 1.75
N GLN B 116 25.40 -5.76 1.20
CA GLN B 116 24.23 -5.19 1.87
C GLN B 116 23.07 -6.20 1.98
N THR B 117 22.89 -6.99 0.91
CA THR B 117 21.93 -8.12 0.90
C THR B 117 22.21 -9.17 1.99
N TYR B 118 23.45 -9.66 2.08
CA TYR B 118 23.77 -10.74 3.01
C TYR B 118 23.76 -10.29 4.48
N ALA B 119 24.11 -9.02 4.69
CA ALA B 119 24.08 -8.42 6.02
C ALA B 119 22.67 -8.30 6.59
N CYS B 120 21.71 -7.87 5.76
CA CYS B 120 20.32 -7.68 6.18
C CYS B 120 19.61 -9.02 6.41
N LEU B 121 19.96 -10.00 5.58
CA LEU B 121 19.55 -11.39 5.75
C LEU B 121 20.15 -12.01 7.00
N SER B 122 21.42 -11.69 7.30
CA SER B 122 22.06 -12.15 8.53
C SER B 122 21.36 -11.55 9.76
N ARG B 123 21.06 -10.25 9.71
CA ARG B 123 20.39 -9.60 10.82
C ARG B 123 19.01 -10.21 11.05
N ILE B 124 18.23 -10.39 9.98
CA ILE B 124 16.89 -10.95 10.14
C ILE B 124 16.95 -12.36 10.75
N ARG B 125 17.77 -13.26 10.17
CA ARG B 125 17.98 -14.59 10.75
C ARG B 125 18.29 -14.51 12.24
N ALA B 126 19.24 -13.64 12.59
CA ALA B 126 19.67 -13.48 13.98
C ALA B 126 18.51 -13.02 14.85
N GLN B 127 17.79 -12.01 14.41
CA GLN B 127 16.76 -11.40 15.26
C GLN B 127 15.53 -12.30 15.48
N LEU B 128 15.28 -13.22 14.55
CA LEU B 128 14.26 -14.27 14.71
C LEU B 128 14.64 -15.36 15.73
N ALA B 129 15.89 -15.79 15.74
CA ALA B 129 16.34 -16.87 16.64
C ALA B 129 16.26 -16.54 18.14
N SER B 130 16.54 -15.27 18.50
CA SER B 130 16.45 -14.82 19.89
C SER B 130 15.03 -14.38 20.24
N LEU B 131 14.16 -14.36 19.24
CA LEU B 131 12.76 -14.01 19.41
C LEU B 131 11.96 -15.29 19.58
N ASN B 132 12.27 -16.27 18.74
CA ASN B 132 11.59 -17.56 18.75
C ASN B 132 12.33 -18.56 19.63
N GLY B 133 12.83 -18.10 20.78
CA GLY B 133 13.54 -19.00 21.67
C GLY B 133 14.12 -18.45 22.96
N LYS B 134 14.93 -17.40 22.84
CA LYS B 134 15.87 -17.01 23.91
C LYS B 134 15.23 -16.81 25.30
N LEU B 135 14.81 -15.59 25.59
CA LEU B 135 14.40 -15.21 26.93
C LEU B 135 12.95 -14.80 26.97
N LYS B 136 12.12 -15.69 27.52
CA LYS B 136 10.69 -15.44 27.80
C LYS B 136 9.87 -16.74 27.76
N ASP B 137 9.72 -17.48 28.87
CA ASP B 137 10.36 -17.30 30.19
C ASP B 137 10.14 -15.98 30.94
N ALA B 138 11.02 -15.01 30.68
CA ALA B 138 11.11 -13.75 31.39
C ALA B 138 9.78 -13.06 31.63
N GLU B 139 9.74 -12.32 32.72
CA GLU B 139 8.54 -11.68 33.25
C GLU B 139 8.20 -10.41 32.48
N LYS B 140 9.20 -9.56 32.23
CA LYS B 140 9.00 -8.31 31.51
C LYS B 140 10.04 -8.14 30.37
N PRO B 141 10.12 -9.13 29.45
CA PRO B 141 11.24 -9.29 28.53
C PRO B 141 11.40 -8.12 27.56
N VAL B 142 12.64 -7.72 27.35
CA VAL B 142 12.98 -6.69 26.37
C VAL B 142 14.17 -7.24 25.61
N LEU B 143 14.10 -7.08 24.28
CA LEU B 143 15.11 -7.61 23.38
C LEU B 143 15.74 -6.44 22.63
N PHE B 144 17.00 -6.14 22.93
CA PHE B 144 17.67 -5.00 22.34
C PHE B 144 18.33 -5.34 20.98
N PHE B 145 17.76 -4.77 19.92
CA PHE B 145 18.32 -4.96 18.58
C PHE B 145 19.52 -4.04 18.39
N GLU B 146 20.71 -4.62 18.36
CA GLU B 146 21.91 -3.89 17.98
C GLU B 146 21.82 -3.54 16.50
N ARG B 147 21.51 -2.27 16.20
CA ARG B 147 21.16 -1.80 14.85
C ARG B 147 19.95 -2.55 14.26
N SER B 148 19.54 -2.16 13.05
CA SER B 148 18.32 -2.68 12.47
C SER B 148 18.39 -2.66 10.97
N VAL B 149 17.41 -3.30 10.35
CA VAL B 149 17.24 -3.36 8.92
C VAL B 149 16.76 -2.04 8.34
N TYR B 150 16.35 -1.12 9.20
CA TYR B 150 16.05 0.23 8.75
C TYR B 150 17.34 1.01 8.55
N SER B 151 18.26 0.94 9.51
CA SER B 151 19.58 1.55 9.32
C SER B 151 20.45 0.77 8.33
N ASP B 152 20.18 -0.53 8.17
CA ASP B 152 20.73 -1.33 7.07
C ASP B 152 20.48 -0.65 5.70
N ARG B 153 19.24 -0.26 5.47
CA ARG B 153 18.82 0.37 4.22
C ARG B 153 19.01 1.89 4.21
N TYR B 154 18.39 2.58 5.17
CA TYR B 154 18.26 4.04 5.12
C TYR B 154 19.49 4.81 5.56
N ILE B 155 20.48 4.08 6.08
CA ILE B 155 21.78 4.64 6.45
C ILE B 155 22.87 4.05 5.52
N PHE B 156 23.13 2.75 5.65
CA PHE B 156 24.31 2.13 5.02
C PHE B 156 24.18 1.80 3.54
N ALA B 157 23.06 1.20 3.15
CA ALA B 157 22.84 0.84 1.77
C ALA B 157 22.73 2.13 0.99
N SER B 158 22.01 3.06 1.59
CA SER B 158 21.73 4.36 1.02
C SER B 158 23.00 5.16 0.77
N ASN B 159 23.92 5.17 1.74
CA ASN B 159 25.21 5.85 1.58
C ASN B 159 26.00 5.31 0.38
N LEU B 160 25.89 4.01 0.16
CA LEU B 160 26.63 3.32 -0.90
C LEU B 160 26.13 3.66 -2.30
N TYR B 161 24.82 3.70 -2.48
CA TYR B 161 24.23 4.36 -3.62
C TYR B 161 24.72 5.82 -3.79
N GLU B 162 24.84 6.56 -2.69
CA GLU B 162 25.19 7.99 -2.76
C GLU B 162 26.67 8.31 -3.02
N SER B 163 27.54 7.34 -2.75
CA SER B 163 28.94 7.44 -3.15
C SER B 163 29.17 6.59 -4.39
N GLU B 164 28.07 6.22 -5.05
CA GLU B 164 28.05 5.48 -6.32
C GLU B 164 28.77 4.14 -6.24
N SER B 165 28.56 3.43 -5.14
CA SER B 165 29.09 2.07 -5.02
C SER B 165 28.06 0.99 -5.39
N MET B 166 26.81 1.43 -5.57
CA MET B 166 25.82 0.61 -6.24
C MET B 166 25.29 1.51 -7.33
N ASN B 167 25.04 0.98 -8.52
CA ASN B 167 24.38 1.73 -9.59
C ASN B 167 22.87 1.74 -9.33
N GLU B 168 22.11 2.46 -10.15
CA GLU B 168 20.66 2.62 -9.94
C GLU B 168 19.88 1.31 -9.85
N THR B 169 20.30 0.35 -10.64
CA THR B 169 19.59 -0.92 -10.76
C THR B 169 19.84 -1.81 -9.53
N GLU B 170 21.08 -1.84 -9.06
CA GLU B 170 21.38 -2.49 -7.78
C GLU B 170 20.55 -1.92 -6.63
N TRP B 171 20.39 -0.61 -6.61
CA TRP B 171 19.76 0.09 -5.49
C TRP B 171 18.23 0.03 -5.52
N THR B 172 17.63 -0.13 -6.70
CA THR B 172 16.18 -0.30 -6.81
C THR B 172 15.79 -1.74 -6.46
N ILE B 173 16.60 -2.68 -6.93
CA ILE B 173 16.40 -4.11 -6.68
C ILE B 173 16.60 -4.40 -5.20
N TYR B 174 17.60 -3.76 -4.61
CA TYR B 174 17.81 -3.84 -3.18
C TYR B 174 16.61 -3.29 -2.43
N GLN B 175 16.15 -2.10 -2.80
CA GLN B 175 15.01 -1.44 -2.15
C GLN B 175 13.71 -2.23 -2.31
N ASP B 176 13.58 -2.95 -3.42
CA ASP B 176 12.41 -3.82 -3.66
C ASP B 176 12.39 -5.04 -2.77
N TRP B 177 13.46 -5.83 -2.86
CA TRP B 177 13.64 -6.99 -2.00
C TRP B 177 13.46 -6.64 -0.52
N HIS B 178 13.96 -5.46 -0.12
CA HIS B 178 13.93 -5.01 1.27
C HIS B 178 12.51 -5.08 1.83
N ASP B 179 11.59 -4.48 1.09
CA ASP B 179 10.16 -4.55 1.36
C ASP B 179 9.68 -5.98 1.46
N TRP B 180 10.00 -6.77 0.44
CA TRP B 180 9.56 -8.16 0.34
C TRP B 180 10.10 -9.02 1.48
N MET B 181 11.30 -8.71 1.93
CA MET B 181 11.88 -9.42 3.05
C MET B 181 11.21 -9.02 4.36
N ASN B 182 11.10 -7.72 4.60
CA ASN B 182 10.45 -7.23 5.81
C ASN B 182 8.98 -7.62 5.92
N ASN B 183 8.32 -7.75 4.76
CA ASN B 183 6.88 -8.09 4.70
C ASN B 183 6.65 -9.58 4.90
N GLN B 184 7.54 -10.41 4.35
CA GLN B 184 7.42 -11.86 4.50
C GLN B 184 8.03 -12.34 5.82
N PHE B 185 9.35 -12.25 5.95
CA PHE B 185 10.05 -12.58 7.20
C PHE B 185 10.44 -11.33 7.97
N GLN B 187 7.27 -10.65 9.68
CA GLN B 187 6.52 -9.41 9.89
C GLN B 187 6.71 -8.87 11.30
N SER B 188 6.80 -9.77 12.27
CA SER B 188 6.73 -9.42 13.69
C SER B 188 8.09 -8.96 14.23
N LEU B 189 8.75 -8.13 13.44
CA LEU B 189 10.08 -7.62 13.78
C LEU B 189 9.94 -6.15 14.17
N GLU B 190 8.72 -5.65 14.09
CA GLU B 190 8.43 -4.24 14.37
C GLU B 190 9.00 -3.79 15.70
N LEU B 191 9.70 -2.66 15.66
CA LEU B 191 10.29 -2.09 16.87
C LEU B 191 9.21 -1.34 17.65
N ASP B 192 9.30 -1.34 18.97
CA ASP B 192 8.39 -0.54 19.81
C ASP B 192 9.03 0.78 20.19
N GLY B 193 10.36 0.80 20.21
CA GLY B 193 11.09 2.00 20.51
C GLY B 193 12.43 2.00 19.79
N ILE B 194 13.01 3.18 19.69
CA ILE B 194 14.37 3.33 19.19
C ILE B 194 15.15 4.10 20.23
N ILE B 195 16.37 3.65 20.48
CA ILE B 195 17.28 4.37 21.32
C ILE B 195 18.43 4.81 20.42
N TYR B 196 18.56 6.12 20.30
CA TYR B 196 19.57 6.73 19.46
C TYR B 196 20.72 7.20 20.34
N LEU B 197 21.90 6.66 20.09
CA LEU B 197 23.09 7.13 20.76
C LEU B 197 23.74 8.21 19.90
N GLN B 198 23.34 9.45 20.21
CA GLN B 198 23.80 10.65 19.53
C GLN B 198 25.19 11.09 19.99
N ALA B 199 26.06 11.33 19.03
CA ALA B 199 27.41 11.77 19.30
C ALA B 199 27.88 12.67 18.16
N THR B 200 28.85 13.52 18.43
CA THR B 200 29.44 14.34 17.36
C THR B 200 30.41 13.49 16.52
N PRO B 201 30.50 13.77 15.20
CA PRO B 201 31.41 13.01 14.35
C PRO B 201 32.86 12.96 14.89
N GLU B 202 33.28 14.03 15.56
CA GLU B 202 34.61 14.13 16.18
C GLU B 202 34.81 13.09 17.29
N THR B 203 33.82 12.95 18.17
CA THR B 203 33.82 11.89 19.20
C THR B 203 33.98 10.48 18.59
N CYS B 204 33.21 10.19 17.55
CA CYS B 204 33.28 8.89 16.87
C CYS B 204 34.64 8.68 16.19
N LEU B 205 35.16 9.73 15.55
CA LEU B 205 36.50 9.73 14.98
C LEU B 205 37.52 9.37 16.06
N HIS B 206 37.40 10.01 17.22
CA HIS B 206 38.25 9.70 18.35
C HIS B 206 38.06 8.25 18.82
N ARG B 207 36.81 7.80 18.87
CA ARG B 207 36.48 6.48 19.41
C ARG B 207 36.86 5.31 18.50
N ILE B 208 36.90 5.55 17.18
CA ILE B 208 37.41 4.57 16.22
C ILE B 208 38.90 4.35 16.46
N TYR B 209 39.61 5.46 16.70
CA TYR B 209 41.00 5.45 17.11
C TYR B 209 41.18 4.84 18.50
N LEU B 210 40.22 5.08 19.39
CA LEU B 210 40.23 4.55 20.77
C LEU B 210 39.60 3.15 20.79
N ARG B 211 40.10 2.27 19.93
CA ARG B 211 39.49 0.96 19.68
C ARG B 211 40.55 0.04 19.09
N GLY B 212 40.56 -0.03 17.76
CA GLY B 212 41.58 -0.72 16.98
C GLY B 212 41.38 -0.24 15.56
N ARG B 213 42.23 0.69 15.14
CA ARG B 213 42.14 1.33 13.82
C ARG B 213 42.30 0.33 12.68
N ASN B 214 43.54 0.15 12.20
CA ASN B 214 43.84 -0.63 10.98
C ASN B 214 43.06 -1.94 10.83
N GLU B 215 42.93 -2.38 9.58
CA GLU B 215 42.02 -3.45 9.17
C GLU B 215 40.65 -2.83 8.95
N GLU B 216 40.19 -2.09 9.97
CA GLU B 216 39.00 -1.27 9.85
C GLU B 216 39.38 0.15 9.48
N GLN B 217 40.43 0.67 10.15
CA GLN B 217 40.92 2.04 9.98
C GLN B 217 39.89 3.11 10.34
N GLY B 218 40.37 4.28 10.76
CA GLY B 218 39.54 5.48 10.87
C GLY B 218 39.44 6.18 9.53
N ILE B 219 38.29 6.04 8.89
CA ILE B 219 38.04 6.61 7.57
C ILE B 219 37.92 8.13 7.65
N PRO B 220 37.60 8.80 6.52
CA PRO B 220 37.34 10.24 6.51
C PRO B 220 36.39 10.71 7.60
N LEU B 221 36.60 11.93 8.07
CA LEU B 221 35.66 12.58 8.98
C LEU B 221 34.39 13.03 8.22
N GLU B 222 34.53 13.32 6.93
CA GLU B 222 33.38 13.71 6.11
C GLU B 222 32.47 12.53 5.85
N TYR B 223 33.03 11.33 5.84
CA TYR B 223 32.24 10.10 5.73
C TYR B 223 31.42 9.91 7.02
N LEU B 224 32.01 10.29 8.16
CA LEU B 224 31.31 10.24 9.44
C LEU B 224 30.27 11.34 9.57
N GLU B 225 30.52 12.50 8.96
CA GLU B 225 29.55 13.61 8.93
C GLU B 225 28.32 13.26 8.12
N LYS B 226 28.55 12.61 6.99
CA LYS B 226 27.44 12.15 6.13
C LYS B 226 26.53 11.14 6.85
N LEU B 227 27.12 10.22 7.59
CA LEU B 227 26.33 9.22 8.33
C LEU B 227 25.70 9.84 9.56
N HIS B 228 26.43 10.77 10.17
CA HIS B 228 25.89 11.65 11.20
C HIS B 228 24.63 12.36 10.74
N TYR B 229 24.72 13.15 9.66
CA TYR B 229 23.56 13.91 9.18
C TYR B 229 22.41 13.00 8.73
N LYS B 230 22.75 11.82 8.22
CA LYS B 230 21.75 10.78 7.96
C LYS B 230 21.10 10.24 9.22
N HIS B 231 21.89 10.03 10.28
CA HIS B 231 21.31 9.63 11.57
C HIS B 231 20.47 10.77 12.18
N GLU B 232 20.99 12.01 12.15
CA GLU B 232 20.25 13.18 12.68
C GLU B 232 18.95 13.44 11.93
N SER B 233 19.02 13.42 10.60
CA SER B 233 17.84 13.62 9.76
C SER B 233 16.80 12.52 9.94
N TRP B 234 17.26 11.31 10.25
CA TRP B 234 16.33 10.19 10.50
C TRP B 234 15.75 10.20 11.92
N LEU B 235 16.61 10.27 12.93
CA LEU B 235 16.16 10.07 14.31
C LEU B 235 15.86 11.35 15.11
N LEU B 236 16.70 12.37 14.97
CA LEU B 236 16.46 13.66 15.63
C LEU B 236 15.30 14.41 14.96
N HIS B 237 15.53 14.95 13.75
CA HIS B 237 14.42 15.39 12.90
C HIS B 237 13.79 14.15 12.30
N ARG B 238 12.47 14.12 12.19
CA ARG B 238 11.79 12.91 11.70
C ARG B 238 11.26 13.14 10.30
N THR B 239 12.20 13.45 9.41
CA THR B 239 11.95 13.92 8.05
C THR B 239 12.15 12.86 6.99
N LEU B 240 13.08 11.93 7.20
CA LEU B 240 13.28 10.82 6.29
C LEU B 240 11.93 10.14 6.07
N LYS B 241 11.58 9.92 4.81
CA LYS B 241 10.34 9.23 4.47
C LYS B 241 10.64 7.77 4.19
N THR B 242 9.90 6.87 4.83
CA THR B 242 10.14 5.43 4.70
C THR B 242 8.90 4.71 4.19
N ASN B 243 9.09 3.51 3.65
CA ASN B 243 8.01 2.67 3.15
C ASN B 243 7.26 1.99 4.28
N PHE B 244 7.92 1.91 5.44
CA PHE B 244 7.39 1.29 6.64
C PHE B 244 6.73 2.33 7.52
N ASP B 245 5.43 2.50 7.29
CA ASP B 245 4.67 3.62 7.83
C ASP B 245 4.72 3.70 9.36
N TYR B 246 4.78 2.54 10.02
CA TYR B 246 4.76 2.49 11.48
C TYR B 246 5.93 3.26 12.12
N LEU B 247 7.00 3.49 11.37
CA LEU B 247 8.20 4.16 11.90
C LEU B 247 7.96 5.60 12.35
N GLN B 248 7.13 6.34 11.62
CA GLN B 248 6.76 7.69 12.04
C GLN B 248 6.02 7.68 13.37
N GLU B 249 5.31 6.59 13.65
CA GLU B 249 4.59 6.44 14.93
C GLU B 249 5.34 5.54 15.89
N VAL B 250 6.64 5.77 16.04
CA VAL B 250 7.44 4.99 16.99
C VAL B 250 8.35 5.89 17.84
N PRO B 251 8.31 5.69 19.17
CA PRO B 251 9.07 6.46 20.14
C PRO B 251 10.59 6.31 20.02
N ILE B 252 11.28 7.44 20.14
CA ILE B 252 12.73 7.51 20.06
C ILE B 252 13.26 8.13 21.34
N LEU B 253 14.23 7.47 21.96
CA LEU B 253 15.02 8.06 23.04
C LEU B 253 16.38 8.48 22.47
N THR B 254 16.66 9.77 22.50
CA THR B 254 17.96 10.27 22.07
C THR B 254 18.87 10.36 23.28
N LEU B 255 20.10 9.87 23.13
CA LEU B 255 21.07 9.89 24.21
C LEU B 255 22.42 10.51 23.79
N ASP B 256 22.70 11.68 24.37
CA ASP B 256 23.99 12.35 24.17
C ASP B 256 25.06 11.48 24.79
N VAL B 257 25.75 10.70 23.96
CA VAL B 257 26.79 9.80 24.46
C VAL B 257 28.21 10.36 24.29
N ASN B 258 28.33 11.68 24.13
CA ASN B 258 29.64 12.31 23.89
C ASN B 258 30.60 12.15 25.06
N GLU B 259 30.08 12.27 26.27
CA GLU B 259 30.91 12.07 27.46
C GLU B 259 31.12 10.57 27.63
N ASP B 260 32.32 10.18 28.05
CA ASP B 260 32.63 8.76 28.29
C ASP B 260 31.69 8.17 29.34
N PHE B 261 31.24 6.94 29.14
CA PHE B 261 30.25 6.33 30.03
C PHE B 261 30.52 4.94 30.63
N LYS B 262 31.48 4.20 30.07
CA LYS B 262 31.67 2.78 30.44
C LYS B 262 31.76 2.42 31.93
N ASP B 263 32.23 3.35 32.75
CA ASP B 263 32.31 3.13 34.20
C ASP B 263 31.43 4.11 34.98
N LYS B 264 30.44 4.67 34.29
CA LYS B 264 29.63 5.78 34.79
C LYS B 264 28.44 5.96 33.84
N TYR B 265 27.46 5.07 33.96
CA TYR B 265 26.39 5.01 32.99
C TYR B 265 25.01 4.97 33.62
N GLU B 266 24.92 5.22 34.92
CA GLU B 266 23.61 5.12 35.60
C GLU B 266 22.57 6.07 35.03
N SER B 267 23.00 7.30 34.77
CA SER B 267 22.13 8.31 34.19
C SER B 267 21.54 7.86 32.84
N LEU B 268 22.37 7.21 32.02
CA LEU B 268 21.91 6.66 30.75
C LEU B 268 20.94 5.51 30.97
N VAL B 269 21.19 4.66 31.96
CA VAL B 269 20.25 3.56 32.17
C VAL B 269 18.92 4.00 32.80
N GLU B 270 18.97 4.99 33.70
CA GLU B 270 17.75 5.65 34.21
C GLU B 270 16.87 6.15 33.07
N LYS B 271 17.48 6.82 32.09
CA LYS B 271 16.73 7.32 30.95
C LYS B 271 16.11 6.17 30.15
N VAL B 272 16.86 5.09 30.02
CA VAL B 272 16.40 3.89 29.32
C VAL B 272 15.25 3.18 30.07
N LYS B 273 15.30 3.17 31.40
CA LYS B 273 14.28 2.47 32.20
C LYS B 273 12.92 3.17 32.23
N GLU B 274 12.91 4.50 32.20
CA GLU B 274 11.66 5.23 32.13
C GLU B 274 11.15 5.35 30.70
N PHE B 275 12.06 5.45 29.74
CA PHE B 275 11.68 5.31 28.34
C PHE B 275 10.96 3.97 28.17
N LEU B 276 11.51 2.92 28.77
CA LEU B 276 10.86 1.60 28.75
C LEU B 276 9.47 1.65 29.38
N SER B 277 9.35 2.37 30.50
CA SER B 277 8.07 2.52 31.19
C SER B 277 7.00 3.23 30.35
N THR B 278 7.43 4.13 29.45
CA THR B 278 6.51 4.82 28.52
C THR B 278 6.01 3.94 27.36
N LEU B 279 6.21 2.63 27.48
CA LEU B 279 5.86 1.70 26.39
C LEU B 279 5.01 0.53 26.89
N ARG C 39 -12.58 -4.23 23.36
CA ARG C 39 -13.42 -4.45 24.56
C ARG C 39 -14.82 -4.89 24.16
N ILE C 40 -15.45 -4.09 23.30
CA ILE C 40 -16.82 -4.37 22.84
C ILE C 40 -16.80 -5.44 21.76
N LYS C 41 -17.94 -5.68 21.12
CA LYS C 41 -17.99 -6.53 19.94
C LYS C 41 -18.44 -5.73 18.74
N LYS C 42 -17.79 -6.03 17.62
CA LYS C 42 -18.07 -5.40 16.36
C LYS C 42 -18.52 -6.51 15.44
N ILE C 43 -19.82 -6.58 15.17
CA ILE C 43 -20.37 -7.63 14.31
C ILE C 43 -21.47 -7.11 13.39
N SER C 44 -21.43 -7.55 12.12
CA SER C 44 -22.41 -7.15 11.14
C SER C 44 -23.35 -8.28 10.77
N ILE C 45 -24.61 -7.93 10.49
CA ILE C 45 -25.58 -8.87 9.93
C ILE C 45 -25.64 -8.62 8.44
N GLU C 46 -25.27 -9.63 7.65
CA GLU C 46 -25.27 -9.51 6.20
C GLU C 46 -26.26 -10.48 5.54
N GLY C 47 -26.63 -10.16 4.30
CA GLY C 47 -27.54 -11.02 3.53
C GLY C 47 -28.41 -10.28 2.52
N ASN C 48 -29.14 -11.05 1.72
CA ASN C 48 -30.05 -10.48 0.74
C ASN C 48 -31.17 -9.65 1.36
N ILE C 49 -31.71 -8.73 0.57
CA ILE C 49 -32.78 -7.83 0.95
C ILE C 49 -34.03 -8.65 1.28
N ALA C 50 -34.77 -8.19 2.29
CA ALA C 50 -35.94 -8.91 2.83
C ALA C 50 -35.71 -10.41 3.05
N ALA C 51 -34.59 -10.73 3.69
CA ALA C 51 -34.35 -12.08 4.19
C ALA C 51 -34.76 -12.13 5.66
N GLY C 52 -34.63 -10.98 6.33
CA GLY C 52 -34.99 -10.85 7.74
C GLY C 52 -33.99 -10.13 8.61
N LYS C 53 -32.84 -9.77 8.05
CA LYS C 53 -31.71 -9.20 8.83
C LYS C 53 -32.15 -8.33 10.01
N SER C 54 -32.83 -7.22 9.71
CA SER C 54 -33.29 -6.28 10.74
C SER C 54 -34.25 -6.95 11.71
N THR C 55 -35.29 -7.58 11.18
CA THR C 55 -36.27 -8.29 11.99
C THR C 55 -35.71 -9.63 12.46
N PHE C 56 -34.39 -9.73 12.45
CA PHE C 56 -33.65 -10.73 13.21
C PHE C 56 -32.84 -9.99 14.27
N VAL C 57 -32.36 -8.80 13.93
CA VAL C 57 -31.70 -7.90 14.87
C VAL C 57 -32.68 -7.34 15.90
N ASN C 58 -33.96 -7.28 15.51
CA ASN C 58 -35.05 -6.93 16.42
C ASN C 58 -35.18 -7.97 17.52
N ILE C 59 -34.95 -9.23 17.16
CA ILE C 59 -34.97 -10.33 18.09
C ILE C 59 -33.71 -10.34 18.97
N LEU C 60 -32.57 -9.94 18.40
CA LEU C 60 -31.26 -9.94 19.07
C LEU C 60 -31.13 -8.96 20.24
N LYS C 61 -32.03 -7.99 20.32
CA LYS C 61 -31.95 -6.94 21.33
C LYS C 61 -32.42 -7.40 22.71
N GLN C 62 -33.60 -8.00 22.75
CA GLN C 62 -34.27 -8.40 23.99
C GLN C 62 -33.60 -9.58 24.69
N LEU C 63 -32.74 -10.29 23.98
CA LEU C 63 -31.99 -11.44 24.50
C LEU C 63 -31.20 -11.09 25.77
N SER C 64 -30.39 -10.03 25.71
CA SER C 64 -29.63 -9.53 26.86
C SER C 64 -29.27 -8.06 26.66
N GLU C 65 -29.47 -7.24 27.70
CA GLU C 65 -29.27 -5.79 27.63
C GLU C 65 -27.81 -5.36 27.34
N ASP C 66 -26.94 -6.35 27.16
CA ASP C 66 -25.56 -6.11 26.74
C ASP C 66 -25.42 -6.23 25.23
N TRP C 67 -26.55 -6.34 24.53
CA TRP C 67 -26.60 -6.54 23.09
C TRP C 67 -27.37 -5.41 22.41
N GLU C 68 -26.70 -4.26 22.26
CA GLU C 68 -27.24 -3.12 21.53
C GLU C 68 -27.08 -3.38 20.03
N VAL C 69 -27.88 -2.68 19.22
CA VAL C 69 -27.82 -2.82 17.77
C VAL C 69 -27.94 -1.47 17.08
N VAL C 70 -27.36 -1.38 15.89
CA VAL C 70 -27.32 -0.14 15.12
C VAL C 70 -28.10 -0.36 13.81
N PRO C 71 -29.36 0.11 13.75
CA PRO C 71 -30.19 -0.10 12.56
C PRO C 71 -29.63 0.59 11.31
N GLU C 72 -30.24 0.32 10.16
CA GLU C 72 -29.73 0.80 8.88
C GLU C 72 -30.11 2.25 8.59
N PRO C 73 -29.24 2.98 7.86
CA PRO C 73 -29.58 4.32 7.37
C PRO C 73 -30.85 4.33 6.53
N VAL C 74 -30.86 3.55 5.45
CA VAL C 74 -32.01 3.50 4.56
C VAL C 74 -33.04 2.54 5.15
N ALA C 75 -33.67 2.97 6.25
CA ALA C 75 -34.74 2.22 6.90
C ALA C 75 -35.94 3.13 7.10
N ARG C 76 -35.74 4.20 7.87
CA ARG C 76 -36.74 5.26 8.02
C ARG C 76 -36.42 6.40 7.07
N TRP C 77 -35.64 6.10 6.03
CA TRP C 77 -35.34 7.03 4.96
C TRP C 77 -36.56 7.20 4.06
N SER C 78 -37.15 6.07 3.66
CA SER C 78 -38.33 6.09 2.81
C SER C 78 -39.59 6.26 3.65
N SER C 93 -32.15 14.32 9.97
CA SER C 93 -31.69 13.05 9.39
C SER C 93 -32.38 12.75 8.06
N GLN C 94 -33.67 12.42 8.12
CA GLN C 94 -34.45 11.97 6.96
C GLN C 94 -34.67 13.07 5.90
N LYS C 95 -34.40 14.31 6.28
CA LYS C 95 -34.39 15.43 5.33
C LYS C 95 -33.55 15.02 4.12
N ASN C 96 -32.25 14.87 4.36
CA ASN C 96 -31.34 14.26 3.40
C ASN C 96 -31.47 12.75 3.51
N GLY C 97 -32.42 12.17 2.77
CA GLY C 97 -32.68 10.74 2.86
C GLY C 97 -34.01 10.31 2.27
N GLY C 98 -35.07 11.04 2.63
CA GLY C 98 -36.38 10.86 2.01
C GLY C 98 -36.32 11.35 0.57
N ASN C 99 -35.55 12.41 0.36
CA ASN C 99 -35.27 12.96 -0.96
C ASN C 99 -34.31 12.05 -1.75
N VAL C 100 -33.27 11.56 -1.07
CA VAL C 100 -32.23 10.74 -1.70
C VAL C 100 -32.73 9.46 -2.40
N LEU C 101 -33.81 8.88 -1.88
CA LEU C 101 -34.45 7.73 -2.54
C LEU C 101 -35.39 8.21 -3.65
N MET C 103 -35.91 10.09 -6.23
CA MET C 103 -34.70 10.38 -7.00
C MET C 103 -33.96 9.09 -7.35
N MET C 104 -33.23 8.52 -6.39
CA MET C 104 -32.44 7.30 -6.60
C MET C 104 -33.27 6.19 -7.23
N TYR C 105 -34.55 6.11 -6.84
CA TYR C 105 -35.45 5.06 -7.31
C TYR C 105 -36.18 5.43 -8.61
N GLU C 106 -36.31 6.73 -8.89
CA GLU C 106 -37.01 7.19 -10.10
C GLU C 106 -36.11 7.31 -11.33
N LYS C 107 -34.81 7.44 -11.10
CA LYS C 107 -33.83 7.49 -12.18
C LYS C 107 -32.45 7.07 -11.63
N PRO C 108 -32.10 5.79 -11.79
CA PRO C 108 -30.85 5.21 -11.28
C PRO C 108 -29.58 5.92 -11.74
N GLU C 109 -29.45 6.15 -13.05
CA GLU C 109 -28.24 6.75 -13.65
C GLU C 109 -27.88 8.15 -13.14
N ARG C 110 -28.90 8.91 -12.73
CA ARG C 110 -28.76 10.30 -12.33
C ARG C 110 -28.44 10.45 -10.85
N TRP C 111 -28.49 9.33 -10.12
CA TRP C 111 -28.43 9.40 -8.66
C TRP C 111 -27.56 8.37 -7.96
N SER C 112 -27.18 7.30 -8.67
CA SER C 112 -26.49 6.17 -8.04
C SER C 112 -25.34 6.56 -7.11
N PHE C 113 -24.36 7.32 -7.62
CA PHE C 113 -23.20 7.76 -6.81
C PHE C 113 -23.63 8.59 -5.60
N THR C 114 -24.58 9.49 -5.83
CA THR C 114 -25.28 10.21 -4.78
C THR C 114 -26.12 9.19 -4.00
N PHE C 115 -26.52 9.53 -2.78
CA PHE C 115 -27.22 8.61 -1.88
C PHE C 115 -26.31 7.49 -1.42
N GLN C 116 -25.61 6.85 -2.38
CA GLN C 116 -24.54 5.90 -2.06
C GLN C 116 -23.46 6.58 -1.21
N THR C 117 -23.12 7.81 -1.57
CA THR C 117 -22.18 8.61 -0.80
C THR C 117 -22.74 8.98 0.58
N TYR C 118 -24.04 9.27 0.64
CA TYR C 118 -24.66 9.70 1.89
C TYR C 118 -24.99 8.53 2.82
N ALA C 119 -25.86 7.62 2.36
CA ALA C 119 -26.20 6.40 3.13
C ALA C 119 -24.95 5.67 3.63
N CYS C 120 -23.85 5.81 2.89
CA CYS C 120 -22.55 5.22 3.25
C CYS C 120 -21.94 5.97 4.42
N LEU C 121 -21.90 7.30 4.32
CA LEU C 121 -21.39 8.17 5.39
C LEU C 121 -22.33 8.16 6.58
N SER C 122 -23.64 8.20 6.29
CA SER C 122 -24.70 8.07 7.29
C SER C 122 -24.45 6.85 8.17
N ARG C 123 -24.07 5.74 7.53
CA ARG C 123 -23.70 4.51 8.24
C ARG C 123 -22.48 4.75 9.13
N ILE C 124 -21.41 5.28 8.53
CA ILE C 124 -20.16 5.55 9.26
C ILE C 124 -20.41 6.37 10.54
N ARG C 125 -21.15 7.47 10.40
CA ARG C 125 -21.40 8.39 11.52
C ARG C 125 -22.11 7.73 12.72
N ALA C 126 -23.04 6.84 12.44
CA ALA C 126 -23.80 6.13 13.48
C ALA C 126 -22.91 5.16 14.27
N GLN C 127 -21.86 4.67 13.61
CA GLN C 127 -20.96 3.68 14.20
C GLN C 127 -20.05 4.29 15.28
N LEU C 128 -19.92 5.62 15.26
CA LEU C 128 -19.12 6.35 16.24
C LEU C 128 -20.01 6.93 17.34
N ALA C 129 -21.31 6.99 17.07
CA ALA C 129 -22.31 7.35 18.06
C ALA C 129 -22.64 6.18 18.99
N SER C 130 -21.85 5.12 18.88
CA SER C 130 -22.03 3.91 19.67
C SER C 130 -20.74 3.53 20.42
N LEU C 131 -19.63 3.45 19.69
CA LEU C 131 -18.32 3.10 20.22
C LEU C 131 -17.98 3.89 21.50
N ASN C 132 -17.90 5.21 21.37
CA ASN C 132 -17.76 6.09 22.52
C ASN C 132 -19.04 6.90 22.70
N GLY C 133 -19.67 6.69 23.85
CA GLY C 133 -20.93 7.37 24.21
C GLY C 133 -21.72 6.58 25.24
N LYS C 134 -21.66 5.25 25.12
CA LYS C 134 -22.41 4.35 26.03
C LYS C 134 -21.49 3.34 26.71
N LEU C 135 -21.91 2.07 26.70
CA LEU C 135 -21.22 0.98 27.38
C LEU C 135 -19.70 1.04 27.30
N LYS C 136 -19.09 1.15 28.49
CA LYS C 136 -17.64 0.97 28.66
C LYS C 136 -17.41 0.54 30.10
N ASP C 137 -18.45 -0.04 30.69
CA ASP C 137 -18.45 -0.55 32.07
C ASP C 137 -18.93 -2.01 32.10
N ALA C 138 -19.22 -2.54 30.90
CA ALA C 138 -19.65 -3.92 30.74
C ALA C 138 -18.46 -4.83 30.46
N GLU C 139 -18.46 -5.99 31.10
CA GLU C 139 -17.35 -6.96 31.03
C GLU C 139 -16.85 -7.19 29.61
N LYS C 140 -17.78 -7.52 28.72
CA LYS C 140 -17.52 -7.64 27.29
C LYS C 140 -18.81 -7.38 26.52
N PRO C 141 -19.10 -6.09 26.24
CA PRO C 141 -20.37 -5.73 25.59
C PRO C 141 -20.42 -6.15 24.11
N VAL C 142 -21.62 -6.21 23.55
CA VAL C 142 -21.84 -6.75 22.20
C VAL C 142 -22.75 -5.83 21.37
N LEU C 143 -22.47 -5.74 20.07
CA LEU C 143 -23.23 -4.88 19.15
C LEU C 143 -23.35 -5.41 17.73
N PHE C 144 -24.51 -5.20 17.11
CA PHE C 144 -24.76 -5.59 15.72
C PHE C 144 -24.98 -4.36 14.83
N PHE C 145 -24.89 -4.54 13.51
CA PHE C 145 -24.77 -3.43 12.54
C PHE C 145 -25.89 -3.26 11.49
N GLU C 146 -26.59 -4.33 11.15
CA GLU C 146 -27.39 -4.44 9.90
C GLU C 146 -26.62 -3.92 8.68
N ARG C 147 -25.95 -4.85 7.99
CA ARG C 147 -25.03 -4.54 6.88
C ARG C 147 -23.83 -3.68 7.34
N SER C 148 -23.02 -3.27 6.36
CA SER C 148 -21.82 -2.46 6.58
C SER C 148 -21.44 -1.75 5.27
N VAL C 149 -20.25 -1.16 5.21
CA VAL C 149 -19.86 -0.34 4.05
C VAL C 149 -19.45 -1.19 2.86
N TYR C 150 -19.14 -2.44 3.16
CA TYR C 150 -18.68 -3.39 2.16
C TYR C 150 -19.91 -3.89 1.41
N SER C 151 -21.00 -4.13 2.14
CA SER C 151 -22.28 -4.42 1.49
C SER C 151 -22.62 -3.32 0.50
N ASP C 152 -22.41 -2.06 0.91
CA ASP C 152 -22.62 -0.90 0.03
C ASP C 152 -21.71 -1.01 -1.19
N ARG C 153 -20.41 -0.84 -0.96
CA ARG C 153 -19.40 -0.85 -2.02
C ARG C 153 -19.38 -2.11 -2.90
N TYR C 154 -19.39 -3.29 -2.27
CA TYR C 154 -19.09 -4.52 -3.01
C TYR C 154 -20.28 -5.44 -3.33
N ILE C 155 -21.47 -5.08 -2.88
CA ILE C 155 -22.69 -5.78 -3.28
C ILE C 155 -23.66 -4.84 -4.02
N PHE C 156 -23.84 -3.63 -3.49
CA PHE C 156 -24.76 -2.66 -4.07
C PHE C 156 -24.11 -1.73 -5.09
N ALA C 157 -22.98 -1.12 -4.72
CA ALA C 157 -22.30 -0.18 -5.60
C ALA C 157 -21.74 -0.91 -6.82
N SER C 158 -21.17 -2.09 -6.56
CA SER C 158 -20.76 -3.02 -7.60
C SER C 158 -21.90 -3.22 -8.60
N ASN C 159 -23.06 -3.61 -8.09
CA ASN C 159 -24.26 -3.78 -8.92
C ASN C 159 -24.59 -2.53 -9.72
N LEU C 160 -24.52 -1.37 -9.06
CA LEU C 160 -24.86 -0.10 -9.71
C LEU C 160 -23.92 0.20 -10.87
N TYR C 161 -22.63 -0.06 -10.69
CA TYR C 161 -21.69 0.01 -11.80
C TYR C 161 -21.85 -1.16 -12.79
N GLU C 162 -21.94 -2.38 -12.26
CA GLU C 162 -22.06 -3.57 -13.11
C GLU C 162 -23.36 -3.62 -13.92
N SER C 163 -24.32 -2.78 -13.54
CA SER C 163 -25.50 -2.54 -14.38
C SER C 163 -25.26 -1.33 -15.28
N GLU C 164 -24.46 -0.39 -14.77
CA GLU C 164 -24.07 0.85 -15.46
C GLU C 164 -25.02 2.01 -15.21
N SER C 165 -25.41 2.14 -13.93
CA SER C 165 -26.09 3.33 -13.43
C SER C 165 -25.10 4.23 -12.67
N MET C 166 -23.85 3.77 -12.57
CA MET C 166 -22.70 4.56 -12.12
C MET C 166 -21.58 4.42 -13.15
N ASN C 167 -21.34 5.47 -13.94
CA ASN C 167 -20.25 5.46 -14.92
C ASN C 167 -18.87 5.27 -14.28
N GLU C 168 -17.86 5.01 -15.10
CA GLU C 168 -16.54 4.58 -14.63
C GLU C 168 -15.95 5.48 -13.57
N THR C 169 -15.89 6.78 -13.86
CA THR C 169 -15.26 7.76 -12.97
C THR C 169 -15.99 7.91 -11.63
N GLU C 170 -17.33 7.82 -11.65
CA GLU C 170 -18.13 7.79 -10.43
C GLU C 170 -17.79 6.57 -9.60
N TRP C 171 -17.78 5.41 -10.27
CA TRP C 171 -17.34 4.14 -9.69
C TRP C 171 -15.87 4.19 -9.28
N THR C 172 -15.06 4.99 -9.99
CA THR C 172 -13.65 5.22 -9.62
C THR C 172 -13.58 6.11 -8.38
N ILE C 173 -14.19 7.29 -8.47
CA ILE C 173 -14.27 8.23 -7.33
C ILE C 173 -14.78 7.49 -6.10
N TYR C 174 -15.86 6.74 -6.28
CA TYR C 174 -16.52 6.00 -5.20
C TYR C 174 -15.53 5.16 -4.41
N GLN C 175 -14.76 4.35 -5.13
CA GLN C 175 -13.67 3.58 -4.54
C GLN C 175 -12.63 4.48 -3.88
N ASP C 176 -12.22 5.53 -4.58
CA ASP C 176 -11.12 6.42 -4.18
C ASP C 176 -11.03 6.73 -2.67
N TRP C 177 -11.95 7.57 -2.18
CA TRP C 177 -11.83 8.11 -0.82
C TRP C 177 -12.08 7.10 0.30
N HIS C 178 -12.40 5.85 -0.08
CA HIS C 178 -12.52 4.75 0.87
C HIS C 178 -11.14 4.44 1.48
N ASP C 179 -10.10 4.51 0.65
CA ASP C 179 -8.72 4.23 1.07
C ASP C 179 -8.30 5.08 2.28
N TRP C 180 -8.67 6.36 2.26
CA TRP C 180 -8.32 7.29 3.33
C TRP C 180 -9.49 7.56 4.27
N MET C 181 -10.46 6.64 4.30
CA MET C 181 -11.59 6.74 5.23
C MET C 181 -11.49 5.71 6.34
N ASN C 182 -11.51 4.44 5.96
CA ASN C 182 -11.45 3.32 6.89
C ASN C 182 -10.05 3.06 7.43
N ASN C 183 -9.04 3.61 6.75
CA ASN C 183 -7.67 3.62 7.26
C ASN C 183 -7.51 4.78 8.23
N GLN C 184 -8.31 5.82 8.00
CA GLN C 184 -8.40 6.96 8.91
C GLN C 184 -9.36 6.69 10.07
N PHE C 185 -10.20 5.67 9.91
CA PHE C 185 -11.20 5.31 10.93
C PHE C 185 -11.53 3.82 10.89
N GLU C 190 -13.75 -1.09 10.41
CA GLU C 190 -13.19 -2.32 10.95
C GLU C 190 -14.29 -3.30 11.40
N LEU C 191 -14.50 -4.37 10.63
CA LEU C 191 -15.49 -5.39 10.99
C LEU C 191 -14.82 -6.60 11.63
N ASP C 192 -15.15 -6.84 12.89
CA ASP C 192 -14.48 -7.87 13.69
C ASP C 192 -15.34 -9.13 13.87
N GLY C 193 -16.23 -9.39 12.93
CA GLY C 193 -17.11 -10.56 12.99
C GLY C 193 -18.30 -10.38 12.08
N ILE C 194 -18.62 -11.43 11.33
CA ILE C 194 -19.70 -11.40 10.34
C ILE C 194 -20.67 -12.57 10.53
N ILE C 195 -21.95 -12.28 10.36
CA ILE C 195 -22.99 -13.31 10.28
C ILE C 195 -23.82 -13.07 9.02
N TYR C 196 -23.93 -14.11 8.19
CA TYR C 196 -24.64 -14.02 6.92
C TYR C 196 -25.98 -14.78 6.93
N LEU C 197 -27.06 -14.04 7.09
CA LEU C 197 -28.41 -14.60 6.95
C LEU C 197 -28.74 -14.87 5.48
N GLN C 198 -28.85 -16.15 5.12
CA GLN C 198 -28.97 -16.60 3.74
C GLN C 198 -30.37 -17.08 3.38
N ALA C 199 -30.95 -16.47 2.35
CA ALA C 199 -32.27 -16.82 1.83
C ALA C 199 -32.34 -16.86 0.30
N THR C 200 -33.35 -17.57 -0.21
CA THR C 200 -33.59 -17.67 -1.64
C THR C 200 -34.28 -16.41 -2.17
N PRO C 201 -33.99 -15.99 -3.43
CA PRO C 201 -34.67 -14.83 -4.00
C PRO C 201 -36.18 -15.02 -4.01
N GLU C 202 -36.59 -16.27 -3.79
CA GLU C 202 -37.97 -16.62 -3.56
C GLU C 202 -38.36 -16.15 -2.16
N THR C 203 -37.65 -16.63 -1.14
CA THR C 203 -37.88 -16.19 0.24
C THR C 203 -37.43 -14.74 0.51
N CYS C 204 -37.06 -14.03 -0.57
CA CYS C 204 -36.74 -12.61 -0.48
C CYS C 204 -37.84 -11.74 -1.08
N LEU C 205 -38.25 -12.07 -2.30
CA LEU C 205 -39.37 -11.38 -2.96
C LEU C 205 -40.70 -11.70 -2.29
N HIS C 206 -40.88 -12.96 -1.88
CA HIS C 206 -42.05 -13.36 -1.09
C HIS C 206 -42.08 -12.63 0.26
N ARG C 207 -40.90 -12.24 0.76
CA ARG C 207 -40.81 -11.47 2.00
C ARG C 207 -40.73 -9.95 1.76
N ILE C 208 -40.38 -9.56 0.54
CA ILE C 208 -40.55 -8.18 0.09
C ILE C 208 -42.05 -7.90 0.04
N TYR C 209 -42.80 -8.90 -0.44
CA TYR C 209 -44.26 -8.94 -0.33
C TYR C 209 -44.69 -8.92 1.14
N LEU C 210 -44.09 -9.79 1.95
CA LEU C 210 -44.40 -9.89 3.38
C LEU C 210 -43.68 -8.78 4.15
N ARG C 211 -44.07 -7.54 3.88
CA ARG C 211 -43.43 -6.34 4.41
C ARG C 211 -44.27 -5.12 4.02
N GLY C 212 -43.61 -3.97 3.85
CA GLY C 212 -44.26 -2.76 3.39
C GLY C 212 -44.09 -2.58 1.89
N ARG C 213 -45.16 -2.84 1.14
CA ARG C 213 -45.10 -2.79 -0.31
C ARG C 213 -45.37 -1.40 -0.89
N ASN C 214 -44.77 -1.17 -2.06
CA ASN C 214 -44.72 0.14 -2.74
C ASN C 214 -43.94 1.17 -1.95
N GLU C 215 -42.66 1.28 -2.31
CA GLU C 215 -41.66 2.17 -1.71
C GLU C 215 -40.32 1.50 -1.91
N GLU C 216 -40.18 0.29 -1.35
CA GLU C 216 -39.07 -0.60 -1.62
C GLU C 216 -39.32 -1.27 -2.98
N GLN C 217 -40.60 -1.62 -3.21
CA GLN C 217 -41.09 -2.20 -4.46
C GLN C 217 -40.46 -3.56 -4.80
N GLY C 218 -40.80 -4.09 -5.97
CA GLY C 218 -40.29 -5.38 -6.42
C GLY C 218 -39.20 -5.25 -7.47
N ILE C 219 -37.95 -5.40 -7.03
CA ILE C 219 -36.82 -5.45 -7.93
C ILE C 219 -36.83 -6.77 -8.70
N PRO C 220 -36.87 -6.69 -10.04
CA PRO C 220 -37.03 -7.81 -11.00
C PRO C 220 -36.31 -9.12 -10.64
N LEU C 221 -36.92 -10.24 -11.01
CA LEU C 221 -36.37 -11.58 -10.79
C LEU C 221 -34.97 -11.71 -11.40
N GLU C 222 -34.86 -11.34 -12.68
CA GLU C 222 -33.58 -11.37 -13.40
C GLU C 222 -32.51 -10.50 -12.76
N TYR C 223 -32.93 -9.42 -12.12
CA TYR C 223 -32.04 -8.49 -11.42
C TYR C 223 -31.74 -9.00 -10.00
N LEU C 224 -32.76 -9.58 -9.35
CA LEU C 224 -32.62 -10.12 -8.01
C LEU C 224 -31.74 -11.37 -8.04
N GLU C 225 -31.81 -12.12 -9.14
CA GLU C 225 -30.94 -13.27 -9.33
C GLU C 225 -29.55 -12.87 -9.85
N LYS C 226 -29.47 -11.72 -10.53
CA LYS C 226 -28.17 -11.10 -10.85
C LYS C 226 -27.48 -10.72 -9.55
N LEU C 227 -28.23 -10.05 -8.68
CA LEU C 227 -27.79 -9.63 -7.36
C LEU C 227 -27.34 -10.82 -6.53
N HIS C 228 -28.12 -11.90 -6.58
CA HIS C 228 -27.94 -13.07 -5.73
C HIS C 228 -26.55 -13.70 -5.85
N TYR C 229 -25.97 -13.65 -7.04
CA TYR C 229 -24.64 -14.22 -7.28
C TYR C 229 -23.59 -13.52 -6.43
N LYS C 230 -23.32 -12.27 -6.78
CA LYS C 230 -22.32 -11.42 -6.13
C LYS C 230 -22.24 -11.59 -4.62
N HIS C 231 -23.40 -11.67 -3.96
CA HIS C 231 -23.47 -11.83 -2.51
C HIS C 231 -22.89 -13.18 -2.05
N GLU C 232 -23.29 -14.26 -2.73
CA GLU C 232 -22.75 -15.61 -2.44
C GLU C 232 -21.24 -15.71 -2.66
N SER C 233 -20.73 -14.95 -3.63
CA SER C 233 -19.30 -14.89 -3.92
C SER C 233 -18.50 -14.40 -2.71
N TRP C 234 -19.06 -13.42 -2.00
CA TRP C 234 -18.42 -12.85 -0.81
C TRP C 234 -18.51 -13.79 0.39
N LEU C 235 -19.68 -13.86 1.01
CA LEU C 235 -19.83 -14.47 2.33
C LEU C 235 -19.74 -15.99 2.40
N LEU C 236 -20.09 -16.68 1.32
CA LEU C 236 -20.12 -18.15 1.33
C LEU C 236 -18.83 -18.76 0.77
N HIS C 237 -18.63 -18.65 -0.55
CA HIS C 237 -17.46 -19.23 -1.22
C HIS C 237 -16.15 -18.54 -0.88
N ARG C 238 -16.24 -17.26 -0.48
CA ARG C 238 -15.09 -16.43 -0.05
C ARG C 238 -14.10 -16.14 -1.19
N THR C 239 -14.59 -16.25 -2.42
CA THR C 239 -13.76 -16.18 -3.62
C THR C 239 -13.63 -14.75 -4.16
N LEU C 240 -14.09 -13.78 -3.38
CA LEU C 240 -14.02 -12.37 -3.73
C LEU C 240 -13.02 -11.62 -2.83
N LYS C 241 -11.94 -11.13 -3.43
CA LYS C 241 -10.91 -10.37 -2.70
C LYS C 241 -11.34 -8.91 -2.52
N THR C 242 -10.97 -8.32 -1.38
CA THR C 242 -11.37 -6.96 -1.04
C THR C 242 -10.20 -6.04 -0.66
N ASN C 243 -10.47 -4.74 -0.68
CA ASN C 243 -9.52 -3.72 -0.24
C ASN C 243 -9.29 -3.76 1.28
N PHE C 244 -9.62 -4.92 1.89
CA PHE C 244 -9.35 -5.21 3.29
C PHE C 244 -9.01 -6.69 3.42
N ASP C 245 -7.73 -6.97 3.63
CA ASP C 245 -7.22 -8.33 3.57
C ASP C 245 -7.63 -9.19 4.77
N TYR C 246 -7.81 -8.54 5.91
CA TYR C 246 -8.22 -9.22 7.14
C TYR C 246 -9.66 -9.73 7.06
N LEU C 247 -10.43 -9.19 6.12
CA LEU C 247 -11.81 -9.66 5.86
C LEU C 247 -11.83 -11.06 5.26
N GLN C 248 -10.84 -11.37 4.42
CA GLN C 248 -10.69 -12.72 3.86
C GLN C 248 -10.51 -13.74 4.98
N GLU C 249 -9.96 -13.27 6.10
CA GLU C 249 -9.67 -14.11 7.26
C GLU C 249 -10.75 -14.04 8.34
N VAL C 250 -11.39 -12.89 8.51
CA VAL C 250 -12.40 -12.68 9.56
C VAL C 250 -13.49 -13.78 9.52
N PRO C 251 -13.81 -14.36 10.70
CA PRO C 251 -14.75 -15.47 10.83
C PRO C 251 -16.17 -15.15 10.35
N ILE C 252 -16.81 -16.15 9.74
CA ILE C 252 -18.15 -15.99 9.18
C ILE C 252 -19.11 -17.05 9.72
N LEU C 253 -20.33 -16.62 10.04
CA LEU C 253 -21.41 -17.54 10.34
C LEU C 253 -22.49 -17.43 9.26
N THR C 254 -23.14 -18.54 8.96
CA THR C 254 -24.21 -18.57 7.97
C THR C 254 -25.41 -19.33 8.53
N LEU C 255 -26.56 -18.65 8.55
CA LEU C 255 -27.78 -19.19 9.14
C LEU C 255 -28.89 -19.32 8.10
N ASP C 256 -29.44 -20.52 7.98
CA ASP C 256 -30.52 -20.80 7.02
C ASP C 256 -31.83 -20.24 7.54
N VAL C 257 -32.22 -19.08 6.99
CA VAL C 257 -33.45 -18.37 7.38
C VAL C 257 -34.64 -18.65 6.48
N ASN C 258 -34.52 -19.63 5.57
CA ASN C 258 -35.58 -19.93 4.61
C ASN C 258 -36.97 -20.13 5.21
N GLU C 259 -37.02 -20.76 6.39
CA GLU C 259 -38.27 -20.90 7.14
C GLU C 259 -38.43 -19.77 8.15
N ASP C 260 -39.68 -19.41 8.45
CA ASP C 260 -40.01 -18.32 9.37
C ASP C 260 -39.40 -18.54 10.75
N PHE C 261 -38.78 -17.49 11.27
CA PHE C 261 -38.09 -17.57 12.56
C PHE C 261 -38.64 -16.59 13.61
N LYS C 262 -39.86 -16.09 13.39
CA LYS C 262 -40.51 -15.22 14.36
C LYS C 262 -41.11 -16.01 15.53
N ASP C 263 -40.84 -17.32 15.56
CA ASP C 263 -41.37 -18.21 16.59
C ASP C 263 -40.46 -19.42 16.83
N LYS C 264 -39.49 -19.63 15.94
CA LYS C 264 -38.59 -20.79 16.00
C LYS C 264 -37.12 -20.42 15.81
N TYR C 265 -36.78 -19.16 16.06
CA TYR C 265 -35.43 -18.62 15.86
C TYR C 265 -34.39 -19.15 16.85
N GLU C 266 -34.81 -19.97 17.80
CA GLU C 266 -33.91 -20.46 18.87
C GLU C 266 -32.70 -21.19 18.32
N SER C 267 -32.93 -21.98 17.26
CA SER C 267 -31.88 -22.67 16.54
C SER C 267 -30.78 -21.70 16.14
N LEU C 268 -31.11 -20.83 15.18
CA LEU C 268 -30.17 -19.87 14.59
C LEU C 268 -29.43 -19.04 15.65
N VAL C 269 -30.15 -18.62 16.68
CA VAL C 269 -29.61 -17.68 17.67
C VAL C 269 -28.61 -18.30 18.68
N GLU C 270 -28.75 -19.59 18.98
CA GLU C 270 -27.76 -20.27 19.85
C GLU C 270 -26.47 -20.56 19.10
N LYS C 271 -26.55 -20.55 17.77
CA LYS C 271 -25.36 -20.61 16.93
C LYS C 271 -24.54 -19.33 17.11
N VAL C 272 -25.23 -18.21 17.33
CA VAL C 272 -24.59 -16.92 17.56
C VAL C 272 -23.76 -16.94 18.84
N LYS C 273 -24.38 -17.35 19.95
CA LYS C 273 -23.68 -17.46 21.23
C LYS C 273 -22.42 -18.32 21.12
N GLU C 274 -22.59 -19.53 20.58
CA GLU C 274 -21.51 -20.51 20.41
C GLU C 274 -20.35 -19.94 19.58
N PHE C 275 -20.67 -19.35 18.44
CA PHE C 275 -19.66 -18.80 17.53
C PHE C 275 -18.91 -17.61 18.14
N LEU C 276 -19.63 -16.74 18.85
CA LEU C 276 -19.07 -15.51 19.43
C LEU C 276 -17.70 -15.65 20.11
N SER C 277 -17.31 -16.88 20.42
CA SER C 277 -16.02 -17.17 21.07
C SER C 277 -14.86 -17.26 20.06
N THR C 278 -14.53 -16.14 19.44
CA THR C 278 -13.35 -16.01 18.59
C THR C 278 -12.57 -14.74 18.94
N LEU C 279 -11.36 -14.94 19.44
CA LEU C 279 -10.52 -13.90 20.07
C LEU C 279 -11.23 -13.17 21.24
N ARG D 39 2.46 23.66 12.96
CA ARG D 39 3.60 24.60 12.81
C ARG D 39 3.52 25.34 11.48
N ILE D 40 3.22 24.61 10.40
CA ILE D 40 3.17 25.17 9.06
C ILE D 40 1.99 26.13 8.91
N LYS D 41 2.30 27.37 8.50
CA LYS D 41 1.28 28.42 8.34
C LYS D 41 0.58 28.31 6.98
N LYS D 42 -0.76 28.27 7.04
CA LYS D 42 -1.59 28.02 5.88
C LYS D 42 -2.20 29.33 5.35
N ILE D 43 -1.77 29.76 4.17
CA ILE D 43 -2.31 30.97 3.55
C ILE D 43 -2.76 30.74 2.10
N SER D 44 -4.06 30.93 1.85
CA SER D 44 -4.62 30.74 0.52
C SER D 44 -4.55 32.01 -0.31
N ILE D 45 -4.03 31.89 -1.53
CA ILE D 45 -4.06 32.98 -2.50
C ILE D 45 -5.43 32.98 -3.18
N GLU D 46 -6.24 34.01 -2.91
CA GLU D 46 -7.62 34.05 -3.43
C GLU D 46 -7.82 35.15 -4.50
N GLY D 47 -9.02 35.20 -5.07
CA GLY D 47 -9.40 36.23 -6.02
C GLY D 47 -10.28 35.75 -7.16
N ASN D 48 -10.29 36.52 -8.25
CA ASN D 48 -11.03 36.16 -9.47
C ASN D 48 -10.15 35.39 -10.44
N ILE D 49 -10.75 34.47 -11.19
CA ILE D 49 -9.98 33.61 -12.10
C ILE D 49 -9.28 34.45 -13.18
N ALA D 50 -8.00 34.13 -13.41
CA ALA D 50 -7.07 34.93 -14.23
C ALA D 50 -6.59 36.26 -13.59
N ALA D 51 -6.89 36.45 -12.30
CA ALA D 51 -6.37 37.63 -11.59
C ALA D 51 -5.01 37.35 -10.93
N GLY D 52 -4.04 36.99 -11.76
CA GLY D 52 -2.64 36.90 -11.35
C GLY D 52 -2.24 35.89 -10.29
N LYS D 53 -3.21 35.13 -9.77
CA LYS D 53 -2.94 34.12 -8.73
C LYS D 53 -1.86 33.11 -9.14
N SER D 54 -1.92 32.65 -10.38
CA SER D 54 -0.96 31.66 -10.87
C SER D 54 0.45 32.25 -10.93
N THR D 55 0.59 33.39 -11.60
CA THR D 55 1.87 34.07 -11.71
C THR D 55 2.38 34.50 -10.33
N PHE D 56 1.48 34.95 -9.47
CA PHE D 56 1.81 35.37 -8.10
C PHE D 56 2.40 34.25 -7.24
N VAL D 57 1.59 33.22 -6.96
CA VAL D 57 1.99 32.09 -6.11
C VAL D 57 3.23 31.34 -6.62
N ASN D 58 3.55 31.53 -7.90
CA ASN D 58 4.76 30.99 -8.51
C ASN D 58 5.96 31.94 -8.39
N ILE D 59 5.72 33.24 -8.61
CA ILE D 59 6.73 34.27 -8.31
C ILE D 59 7.18 34.14 -6.87
N LEU D 60 6.21 34.13 -5.96
CA LEU D 60 6.46 33.97 -4.54
C LEU D 60 7.35 32.74 -4.26
N LYS D 61 6.86 31.56 -4.63
CA LYS D 61 7.45 30.29 -4.19
C LYS D 61 8.98 30.19 -4.32
N GLN D 62 9.52 30.74 -5.41
CA GLN D 62 10.97 30.73 -5.63
C GLN D 62 11.70 31.90 -4.97
N LEU D 63 11.25 32.26 -3.77
CA LEU D 63 11.88 33.33 -2.98
C LEU D 63 12.48 32.84 -1.66
N SER D 64 11.90 31.78 -1.09
CA SER D 64 12.35 31.26 0.20
C SER D 64 12.34 29.72 0.24
N GLU D 65 13.10 29.16 1.18
CA GLU D 65 13.12 27.71 1.43
C GLU D 65 11.97 27.31 2.36
N ASP D 66 11.54 28.24 3.20
CA ASP D 66 10.48 27.99 4.17
C ASP D 66 9.09 28.23 3.57
N TRP D 67 9.07 28.50 2.27
CA TRP D 67 7.83 28.84 1.58
C TRP D 67 7.48 27.76 0.55
N GLU D 68 6.51 26.91 0.89
CA GLU D 68 6.02 25.86 0.01
C GLU D 68 4.75 26.29 -0.70
N VAL D 69 4.09 25.34 -1.39
CA VAL D 69 2.91 25.60 -2.20
C VAL D 69 2.04 24.34 -2.38
N VAL D 70 0.72 24.54 -2.48
CA VAL D 70 -0.20 23.48 -2.94
C VAL D 70 -0.97 23.96 -4.18
N PRO D 71 -0.59 23.42 -5.36
CA PRO D 71 -1.19 23.80 -6.64
C PRO D 71 -2.66 23.43 -6.79
N GLU D 72 -3.43 24.32 -7.42
CA GLU D 72 -4.85 24.11 -7.66
C GLU D 72 -5.09 23.05 -8.75
N PRO D 73 -5.94 22.04 -8.43
CA PRO D 73 -6.44 20.99 -9.31
C PRO D 73 -6.52 21.34 -10.80
N VAL D 74 -5.35 21.62 -11.39
CA VAL D 74 -5.18 21.81 -12.82
C VAL D 74 -3.89 21.11 -13.27
N ARG D 76 -3.28 21.20 -16.99
CA ARG D 76 -4.08 20.25 -17.76
C ARG D 76 -5.46 20.03 -17.13
N TRP D 77 -5.49 19.98 -15.80
CA TRP D 77 -6.73 19.78 -15.02
C TRP D 77 -7.38 18.41 -15.22
N ASN D 96 -6.74 11.09 -13.73
CA ASN D 96 -7.38 11.25 -15.03
C ASN D 96 -8.62 12.13 -14.93
N GLY D 97 -8.39 13.42 -14.67
CA GLY D 97 -9.46 14.40 -14.54
C GLY D 97 -9.67 15.26 -15.78
N GLY D 98 -9.30 14.73 -16.94
CA GLY D 98 -9.59 15.39 -18.21
C GLY D 98 -11.05 15.15 -18.57
N ASN D 99 -11.52 13.94 -18.23
CA ASN D 99 -12.90 13.51 -18.42
C ASN D 99 -13.96 14.42 -17.80
N VAL D 100 -13.86 14.64 -16.49
CA VAL D 100 -14.85 15.44 -15.76
C VAL D 100 -15.00 16.85 -16.29
N LEU D 101 -13.88 17.54 -16.49
CA LEU D 101 -13.86 18.96 -16.87
C LEU D 101 -14.81 19.24 -18.02
N GLN D 102 -14.62 18.54 -19.13
CA GLN D 102 -15.51 18.69 -20.28
C GLN D 102 -16.98 18.40 -19.93
N MET D 103 -17.21 17.30 -19.19
CA MET D 103 -18.56 16.92 -18.73
C MET D 103 -19.25 17.95 -17.82
N MET D 104 -18.45 18.89 -17.29
CA MET D 104 -18.98 20.03 -16.55
C MET D 104 -19.45 21.11 -17.52
N TYR D 105 -18.68 21.31 -18.60
CA TYR D 105 -18.95 22.37 -19.56
C TYR D 105 -20.12 22.06 -20.49
N GLU D 106 -20.36 20.78 -20.74
CA GLU D 106 -21.42 20.37 -21.66
C GLU D 106 -22.79 20.47 -20.97
N LYS D 107 -22.87 19.95 -19.75
CA LYS D 107 -24.09 19.98 -18.94
C LYS D 107 -23.76 20.21 -17.47
N PRO D 108 -23.62 21.50 -17.06
CA PRO D 108 -23.32 21.83 -15.67
C PRO D 108 -24.46 21.53 -14.71
N GLU D 109 -25.69 21.51 -15.23
CA GLU D 109 -26.86 21.13 -14.42
C GLU D 109 -26.88 19.62 -14.14
N ARG D 110 -26.21 18.85 -14.99
CA ARG D 110 -26.11 17.40 -14.81
C ARG D 110 -24.95 17.00 -13.89
N TRP D 111 -23.73 17.31 -14.31
CA TRP D 111 -22.55 16.79 -13.64
C TRP D 111 -22.05 17.57 -12.43
N SER D 112 -22.41 18.85 -12.33
CA SER D 112 -21.81 19.79 -11.36
C SER D 112 -21.75 19.39 -9.89
N PHE D 113 -22.65 18.50 -9.44
CA PHE D 113 -22.55 17.97 -8.08
C PHE D 113 -21.28 17.12 -7.91
N THR D 114 -21.06 16.17 -8.82
CA THR D 114 -19.74 15.60 -9.02
C THR D 114 -18.90 16.69 -9.69
N PHE D 115 -17.61 16.45 -9.89
CA PHE D 115 -16.71 17.45 -10.51
C PHE D 115 -16.33 18.57 -9.54
N GLN D 116 -17.31 19.02 -8.76
CA GLN D 116 -17.09 19.95 -7.65
C GLN D 116 -16.77 19.18 -6.37
N THR D 117 -17.58 18.14 -6.11
CA THR D 117 -17.40 17.21 -5.00
C THR D 117 -16.05 16.47 -5.11
N TYR D 118 -15.69 16.10 -6.34
CA TYR D 118 -14.38 15.52 -6.61
C TYR D 118 -13.30 16.59 -6.45
N ALA D 119 -13.48 17.70 -7.17
CA ALA D 119 -12.55 18.83 -7.16
C ALA D 119 -12.11 19.23 -5.76
N CYS D 120 -13.09 19.35 -4.84
CA CYS D 120 -12.82 19.64 -3.45
C CYS D 120 -12.02 18.53 -2.76
N LEU D 121 -12.50 17.29 -2.88
CA LEU D 121 -11.86 16.12 -2.26
C LEU D 121 -10.42 15.93 -2.74
N SER D 122 -10.21 16.10 -4.05
CA SER D 122 -8.88 16.10 -4.64
C SER D 122 -8.01 17.09 -3.89
N ARG D 123 -8.49 18.33 -3.80
CA ARG D 123 -7.80 19.43 -3.13
C ARG D 123 -7.47 19.11 -1.67
N ILE D 124 -8.47 18.67 -0.90
CA ILE D 124 -8.28 18.29 0.51
C ILE D 124 -7.13 17.30 0.66
N ARG D 125 -7.14 16.26 -0.17
CA ARG D 125 -6.13 15.22 -0.13
C ARG D 125 -4.72 15.79 -0.34
N ALA D 126 -4.55 16.53 -1.44
CA ALA D 126 -3.28 17.17 -1.79
C ALA D 126 -2.93 18.33 -0.85
N GLN D 127 -3.85 18.66 0.06
CA GLN D 127 -3.57 19.60 1.15
C GLN D 127 -3.05 18.85 2.37
N LEU D 128 -3.64 17.69 2.64
CA LEU D 128 -3.19 16.81 3.72
C LEU D 128 -1.84 16.17 3.42
N ALA D 129 -1.55 15.98 2.13
CA ALA D 129 -0.31 15.36 1.69
C ALA D 129 0.88 16.33 1.75
N SER D 130 0.72 17.49 1.12
CA SER D 130 1.78 18.49 1.02
C SER D 130 2.05 19.15 2.38
N LEU D 131 1.25 18.77 3.37
CA LEU D 131 1.34 19.29 4.73
C LEU D 131 2.20 18.37 5.58
N ASN D 132 1.90 17.07 5.53
CA ASN D 132 2.66 16.08 6.29
C ASN D 132 3.55 15.23 5.38
N GLY D 133 4.51 15.89 4.76
CA GLY D 133 5.49 15.23 3.90
C GLY D 133 6.48 16.20 3.27
N LYS D 134 6.01 17.43 2.99
CA LYS D 134 6.81 18.42 2.26
C LYS D 134 7.91 19.07 3.10
N LEU D 135 7.55 20.15 3.82
CA LEU D 135 8.53 20.92 4.58
C LEU D 135 8.55 20.56 6.07
N LYS D 136 8.73 19.27 6.35
CA LYS D 136 8.81 18.75 7.71
C LYS D 136 10.01 19.31 8.48
N ASP D 137 10.97 19.89 7.75
CA ASP D 137 12.09 20.61 8.36
C ASP D 137 11.65 22.04 8.73
N ALA D 138 12.37 23.03 8.21
CA ALA D 138 12.03 24.47 8.34
C ALA D 138 11.73 24.98 9.76
N GLU D 139 12.36 26.09 10.13
CA GLU D 139 12.17 26.67 11.47
C GLU D 139 10.85 27.44 11.60
N LYS D 140 10.48 28.16 10.54
CA LYS D 140 9.21 28.89 10.47
C LYS D 140 8.52 28.66 9.11
N PRO D 141 7.96 27.44 8.91
CA PRO D 141 7.40 27.06 7.61
C PRO D 141 6.09 27.75 7.24
N VAL D 142 5.91 28.05 5.95
CA VAL D 142 4.67 28.66 5.44
C VAL D 142 4.24 27.97 4.15
N LEU D 143 3.07 27.34 4.18
CA LEU D 143 2.58 26.58 3.04
C LEU D 143 1.40 27.30 2.39
N PHE D 144 1.62 27.85 1.21
CA PHE D 144 0.57 28.51 0.45
C PHE D 144 -0.48 27.52 -0.08
N PHE D 145 -1.67 28.02 -0.38
CA PHE D 145 -2.75 27.21 -0.91
C PHE D 145 -3.47 27.96 -2.03
N GLU D 146 -3.20 27.60 -3.29
CA GLU D 146 -3.95 28.22 -4.38
C GLU D 146 -5.41 27.83 -4.23
N ARG D 147 -6.24 28.81 -3.84
CA ARG D 147 -7.67 28.61 -3.55
C ARG D 147 -7.92 27.76 -2.30
N SER D 148 -9.19 27.50 -1.98
CA SER D 148 -9.56 26.77 -0.77
C SER D 148 -10.82 25.92 -0.94
N VAL D 149 -11.12 25.12 0.09
CA VAL D 149 -12.37 24.36 0.16
C VAL D 149 -13.54 25.29 0.50
N TYR D 150 -13.24 26.34 1.26
CA TYR D 150 -14.21 27.36 1.62
C TYR D 150 -14.68 28.10 0.37
N SER D 151 -13.73 28.39 -0.51
CA SER D 151 -14.02 29.01 -1.79
C SER D 151 -14.73 28.04 -2.73
N ASP D 152 -14.56 26.74 -2.49
CA ASP D 152 -15.25 25.71 -3.24
C ASP D 152 -16.72 25.60 -2.84
N ARG D 153 -17.01 25.94 -1.59
CA ARG D 153 -18.36 25.80 -1.06
C ARG D 153 -19.19 27.09 -1.19
N TYR D 154 -18.82 28.10 -0.42
CA TYR D 154 -19.60 29.35 -0.35
C TYR D 154 -19.32 30.27 -1.54
N ILE D 155 -18.40 29.87 -2.40
CA ILE D 155 -18.12 30.60 -3.64
C ILE D 155 -18.52 29.75 -4.86
N PHE D 156 -17.89 28.59 -5.02
CA PHE D 156 -18.07 27.74 -6.20
C PHE D 156 -19.34 26.88 -6.16
N ALA D 157 -19.57 26.23 -5.02
CA ALA D 157 -20.76 25.39 -4.85
C ALA D 157 -22.04 26.25 -4.77
N SER D 158 -21.96 27.34 -4.01
CA SER D 158 -23.07 28.30 -3.91
C SER D 158 -23.48 28.82 -5.28
N ASN D 159 -22.48 29.14 -6.10
CA ASN D 159 -22.68 29.65 -7.45
C ASN D 159 -23.61 28.76 -8.28
N LEU D 160 -23.26 27.48 -8.41
CA LEU D 160 -23.98 26.53 -9.28
C LEU D 160 -25.42 26.23 -8.83
N TYR D 161 -25.74 26.56 -7.60
CA TYR D 161 -27.13 26.60 -7.15
C TYR D 161 -27.80 27.73 -7.93
N GLU D 162 -27.22 28.92 -7.81
CA GLU D 162 -27.74 30.14 -8.39
C GLU D 162 -27.63 30.13 -9.91
N SER D 163 -26.71 29.30 -10.42
CA SER D 163 -26.45 29.17 -11.85
C SER D 163 -27.45 28.25 -12.55
N GLU D 164 -28.49 27.82 -11.82
CA GLU D 164 -29.47 26.83 -12.29
C GLU D 164 -28.84 25.46 -12.56
N SER D 165 -28.44 24.77 -11.49
CA SER D 165 -27.72 23.49 -11.61
C SER D 165 -28.03 22.53 -10.46
N MET D 166 -27.34 22.68 -9.32
CA MET D 166 -27.65 21.90 -8.11
C MET D 166 -28.96 22.36 -7.50
N ASN D 167 -29.50 21.56 -6.59
CA ASN D 167 -30.65 21.98 -5.79
C ASN D 167 -30.56 21.63 -4.31
N GLU D 168 -31.69 21.68 -3.62
CA GLU D 168 -31.74 21.75 -2.15
C GLU D 168 -31.07 20.59 -1.42
N THR D 169 -31.38 19.36 -1.82
CA THR D 169 -30.78 18.20 -1.17
C THR D 169 -29.37 17.99 -1.73
N GLU D 170 -29.20 18.20 -3.04
CA GLU D 170 -27.86 18.22 -3.64
C GLU D 170 -26.93 19.13 -2.82
N TRP D 171 -27.41 20.34 -2.51
CA TRP D 171 -26.71 21.28 -1.64
C TRP D 171 -26.56 20.73 -0.21
N THR D 172 -27.65 20.19 0.35
CA THR D 172 -27.64 19.69 1.74
C THR D 172 -27.07 18.26 1.91
N ILE D 173 -26.85 17.55 0.81
CA ILE D 173 -26.00 16.35 0.84
C ILE D 173 -24.57 16.89 0.97
N TYR D 174 -24.19 17.71 -0.02
CA TYR D 174 -22.94 18.45 -0.05
C TYR D 174 -22.63 19.12 1.29
N GLN D 175 -23.62 19.80 1.88
CA GLN D 175 -23.49 20.37 3.22
C GLN D 175 -23.48 19.25 4.23
N ASP D 176 -22.39 19.20 5.00
CA ASP D 176 -22.07 18.09 5.92
C ASP D 176 -21.55 16.83 5.22
N TRP D 177 -21.25 16.99 3.92
CA TRP D 177 -20.25 16.18 3.22
C TRP D 177 -19.01 17.06 3.14
N HIS D 178 -19.24 18.35 2.89
CA HIS D 178 -18.21 19.38 2.92
C HIS D 178 -17.91 19.78 4.37
N ASP D 179 -18.70 19.25 5.31
CA ASP D 179 -18.57 19.63 6.73
C ASP D 179 -18.27 18.46 7.66
N TRP D 180 -18.74 17.26 7.29
CA TRP D 180 -18.37 16.04 8.01
C TRP D 180 -16.93 15.68 7.68
N MET D 181 -16.52 15.97 6.45
CA MET D 181 -15.15 15.74 5.99
C MET D 181 -14.18 16.78 6.53
N ASN D 182 -14.73 17.81 7.17
CA ASN D 182 -13.91 18.87 7.75
C ASN D 182 -13.85 18.78 9.26
N ASN D 183 -14.08 17.57 9.77
CA ASN D 183 -13.94 17.24 11.18
C ASN D 183 -13.17 15.93 11.33
N GLN D 184 -12.73 15.37 10.20
CA GLN D 184 -12.15 14.02 10.15
C GLN D 184 -10.68 13.85 10.61
N PHE D 185 -9.65 14.53 10.08
CA PHE D 185 -9.57 15.60 9.05
C PHE D 185 -9.45 17.02 9.61
N GLY D 186 -10.54 17.56 10.14
CA GLY D 186 -10.53 18.87 10.78
C GLY D 186 -10.64 20.03 9.80
N SER D 188 -5.24 21.92 12.00
CA SER D 188 -4.99 20.84 11.06
C SER D 188 -5.06 21.39 9.63
N LEU D 189 -6.28 21.52 9.12
CA LEU D 189 -6.51 22.18 7.85
C LEU D 189 -7.10 23.57 8.11
N GLU D 190 -7.10 23.99 9.37
CA GLU D 190 -7.60 25.29 9.80
C GLU D 190 -6.63 26.37 9.34
N LEU D 191 -7.12 27.28 8.49
CA LEU D 191 -6.27 28.34 7.93
C LEU D 191 -5.73 29.31 8.99
N ASP D 192 -4.69 30.05 8.63
CA ASP D 192 -4.07 31.03 9.51
C ASP D 192 -4.13 32.45 8.95
N GLY D 193 -4.34 32.56 7.64
CA GLY D 193 -4.49 33.85 6.96
C GLY D 193 -4.82 33.71 5.48
N ILE D 194 -5.03 34.84 4.80
CA ILE D 194 -5.36 34.83 3.37
C ILE D 194 -4.65 35.97 2.63
N ILE D 195 -4.26 35.69 1.37
CA ILE D 195 -3.80 36.75 0.48
C ILE D 195 -4.76 36.88 -0.72
N TYR D 196 -5.64 37.87 -0.58
CA TYR D 196 -6.83 38.02 -1.40
C TYR D 196 -6.53 39.02 -2.51
N LEU D 197 -6.18 38.50 -3.68
CA LEU D 197 -5.79 39.35 -4.82
C LEU D 197 -7.01 40.01 -5.44
N GLN D 198 -7.57 40.94 -4.69
CA GLN D 198 -8.76 41.70 -5.05
C GLN D 198 -8.57 42.41 -6.40
N ALA D 199 -9.56 42.24 -7.27
CA ALA D 199 -9.53 42.85 -8.59
C ALA D 199 -10.92 43.20 -9.09
N THR D 200 -10.99 44.15 -10.00
CA THR D 200 -12.23 44.50 -10.67
C THR D 200 -12.55 43.40 -11.68
N PRO D 201 -13.84 43.19 -11.96
CA PRO D 201 -14.19 42.20 -12.98
C PRO D 201 -13.67 42.60 -14.37
N GLU D 202 -13.43 43.89 -14.56
CA GLU D 202 -12.88 44.43 -15.81
C GLU D 202 -11.41 44.08 -16.04
N THR D 203 -10.70 43.73 -14.96
CA THR D 203 -9.26 43.43 -15.00
C THR D 203 -8.97 42.07 -15.64
N CYS D 204 -9.65 41.05 -15.15
CA CYS D 204 -9.45 39.67 -15.62
C CYS D 204 -10.08 39.46 -17.00
N LEU D 205 -11.21 40.11 -17.24
CA LEU D 205 -11.85 40.14 -18.56
C LEU D 205 -10.83 40.51 -19.65
N HIS D 206 -9.74 41.12 -19.23
CA HIS D 206 -8.60 41.46 -20.09
C HIS D 206 -7.46 40.44 -19.94
N ARG D 207 -7.33 39.86 -18.74
CA ARG D 207 -6.20 39.00 -18.42
C ARG D 207 -6.33 37.55 -18.92
N ILE D 208 -7.55 37.00 -18.92
CA ILE D 208 -7.76 35.64 -19.44
C ILE D 208 -7.57 35.66 -20.97
N TYR D 209 -7.86 36.80 -21.57
CA TYR D 209 -7.59 37.05 -22.98
C TYR D 209 -6.09 37.00 -23.28
N LEU D 210 -5.28 37.32 -22.27
CA LEU D 210 -3.83 37.35 -22.40
C LEU D 210 -3.21 35.95 -22.29
N ARG D 211 -3.96 35.00 -21.74
CA ARG D 211 -3.45 33.65 -21.49
C ARG D 211 -3.73 32.66 -22.63
N GLY D 212 -4.94 32.10 -22.63
CA GLY D 212 -5.27 31.02 -23.56
C GLY D 212 -6.75 30.68 -23.67
N ARG D 213 -7.37 30.38 -22.53
CA ARG D 213 -8.80 30.00 -22.48
C ARG D 213 -9.10 28.67 -23.19
N ASN D 214 -10.38 28.45 -23.51
CA ASN D 214 -10.87 27.24 -24.19
C ASN D 214 -10.71 25.98 -23.32
N GLU D 215 -11.76 25.14 -23.31
CA GLU D 215 -12.01 24.20 -22.21
C GLU D 215 -12.15 25.02 -20.92
N GLU D 216 -12.42 26.31 -21.11
CA GLU D 216 -12.52 27.31 -20.06
C GLU D 216 -13.25 28.52 -20.64
N GLN D 217 -12.73 29.02 -21.77
CA GLN D 217 -13.24 30.20 -22.45
C GLN D 217 -13.40 31.39 -21.50
N GLY D 218 -14.50 32.12 -21.64
CA GLY D 218 -14.75 33.34 -20.88
C GLY D 218 -15.64 34.23 -21.72
N ILE D 219 -15.64 35.53 -21.40
CA ILE D 219 -16.43 36.58 -22.09
C ILE D 219 -17.61 37.15 -21.27
N PRO D 220 -18.39 36.31 -20.56
CA PRO D 220 -19.45 36.91 -19.75
C PRO D 220 -18.92 37.51 -18.44
N LEU D 221 -19.02 38.84 -18.35
CA LEU D 221 -18.56 39.61 -17.19
C LEU D 221 -19.44 39.35 -15.98
N GLU D 222 -20.75 39.28 -16.23
CA GLU D 222 -21.78 39.12 -15.20
C GLU D 222 -21.63 37.85 -14.35
N TYR D 223 -20.85 36.90 -14.86
CA TYR D 223 -20.55 35.67 -14.15
C TYR D 223 -19.33 35.84 -13.24
N LEU D 224 -18.44 36.76 -13.63
CA LEU D 224 -17.28 37.12 -12.82
C LEU D 224 -17.64 38.28 -11.90
N GLU D 225 -18.84 38.83 -12.10
CA GLU D 225 -19.35 39.93 -11.28
C GLU D 225 -20.04 39.44 -10.02
N LYS D 226 -20.71 38.30 -10.10
CA LYS D 226 -21.24 37.61 -8.91
C LYS D 226 -20.07 37.05 -8.12
N LEU D 227 -19.04 36.59 -8.82
CA LEU D 227 -17.85 36.01 -8.21
C LEU D 227 -17.16 36.92 -7.19
N HIS D 228 -17.03 38.20 -7.50
CA HIS D 228 -16.28 39.12 -6.65
C HIS D 228 -17.00 39.60 -5.39
N TYR D 229 -18.31 39.88 -5.52
CA TYR D 229 -19.12 40.29 -4.38
C TYR D 229 -19.33 39.11 -3.43
N LYS D 230 -19.18 37.90 -3.99
CA LYS D 230 -19.20 36.67 -3.21
C LYS D 230 -17.93 36.57 -2.37
N HIS D 231 -16.81 37.05 -2.94
CA HIS D 231 -15.52 37.10 -2.23
C HIS D 231 -15.46 38.25 -1.22
N GLU D 232 -15.91 39.43 -1.65
CA GLU D 232 -15.86 40.66 -0.83
C GLU D 232 -16.63 40.51 0.47
N SER D 233 -17.87 40.03 0.37
CA SER D 233 -18.74 39.82 1.51
C SER D 233 -18.15 38.79 2.45
N TRP D 234 -17.39 37.86 1.89
CA TRP D 234 -16.77 36.80 2.67
C TRP D 234 -15.53 37.31 3.42
N LEU D 235 -14.68 38.09 2.75
CA LEU D 235 -13.38 38.46 3.32
C LEU D 235 -13.18 39.96 3.63
N LEU D 236 -13.66 40.84 2.75
CA LEU D 236 -13.54 42.28 2.98
C LEU D 236 -14.59 42.75 3.98
N HIS D 237 -15.85 42.78 3.55
CA HIS D 237 -16.96 43.21 4.38
C HIS D 237 -17.19 42.28 5.57
N ARG D 238 -16.78 41.02 5.43
CA ARG D 238 -16.88 39.98 6.47
C ARG D 238 -18.34 39.65 6.84
N THR D 239 -19.25 39.94 5.92
CA THR D 239 -20.67 39.65 6.11
C THR D 239 -20.97 38.18 5.88
N LEU D 240 -20.71 37.69 4.67
CA LEU D 240 -20.95 36.29 4.30
C LEU D 240 -20.51 35.37 5.44
N LYS D 241 -21.50 34.76 6.09
CA LYS D 241 -21.25 33.86 7.20
C LYS D 241 -21.13 32.43 6.70
N THR D 242 -19.95 31.86 6.91
CA THR D 242 -19.66 30.47 6.62
C THR D 242 -20.22 29.59 7.74
N ASN D 243 -20.36 28.30 7.45
CA ASN D 243 -20.82 27.34 8.46
C ASN D 243 -19.73 26.99 9.48
N PHE D 244 -18.47 27.10 9.05
CA PHE D 244 -17.32 26.78 9.88
C PHE D 244 -17.01 27.95 10.81
N ASP D 245 -17.07 27.69 12.11
CA ASP D 245 -16.90 28.75 13.12
C ASP D 245 -15.50 28.82 13.76
N TYR D 246 -14.55 29.27 12.96
CA TYR D 246 -13.26 29.74 13.43
C TYR D 246 -12.87 30.89 12.52
N LEU D 247 -13.39 30.83 11.29
CA LEU D 247 -13.22 31.86 10.26
C LEU D 247 -13.89 33.18 10.64
N GLN D 248 -14.16 33.35 11.92
CA GLN D 248 -14.81 34.55 12.42
C GLN D 248 -13.78 35.66 12.67
N GLU D 249 -12.80 35.38 13.52
CA GLU D 249 -11.74 36.34 13.81
C GLU D 249 -10.43 35.96 13.11
N VAL D 250 -10.55 35.36 11.92
CA VAL D 250 -9.37 34.97 11.13
C VAL D 250 -8.80 36.19 10.37
N PRO D 251 -7.50 36.46 10.54
CA PRO D 251 -6.80 37.56 9.84
C PRO D 251 -6.84 37.40 8.32
N ILE D 252 -7.17 38.48 7.62
CA ILE D 252 -7.24 38.49 6.15
C ILE D 252 -6.50 39.70 5.57
N LEU D 253 -5.76 39.47 4.49
CA LEU D 253 -5.03 40.52 3.78
C LEU D 253 -5.66 40.79 2.40
N THR D 254 -5.50 42.03 1.92
CA THR D 254 -6.09 42.44 0.64
C THR D 254 -5.08 43.18 -0.23
N LEU D 255 -4.91 42.71 -1.46
CA LEU D 255 -3.96 43.30 -2.40
C LEU D 255 -4.59 43.65 -3.76
N ASP D 256 -4.03 44.69 -4.39
CA ASP D 256 -4.54 45.16 -5.66
C ASP D 256 -3.62 44.75 -6.82
N VAL D 257 -3.99 43.66 -7.48
CA VAL D 257 -3.24 43.12 -8.61
C VAL D 257 -3.79 43.59 -9.96
N ASN D 258 -4.73 44.53 -9.93
CA ASN D 258 -5.31 45.06 -11.16
C ASN D 258 -4.26 45.67 -12.06
N GLU D 259 -3.37 46.46 -11.47
CA GLU D 259 -2.13 46.89 -12.12
C GLU D 259 -1.17 45.71 -12.17
N ASP D 260 -0.31 45.67 -13.19
CA ASP D 260 0.66 44.59 -13.38
C ASP D 260 1.62 44.47 -12.18
N PHE D 261 2.28 43.31 -12.06
CA PHE D 261 3.20 43.07 -10.93
C PHE D 261 4.45 42.23 -11.24
N LYS D 262 4.87 42.17 -12.49
CA LYS D 262 6.04 41.38 -12.87
C LYS D 262 7.28 41.78 -12.06
N ASP D 263 7.77 42.99 -12.29
CA ASP D 263 8.97 43.48 -11.62
C ASP D 263 8.67 43.97 -10.19
N LYS D 264 7.71 44.90 -10.08
CA LYS D 264 7.38 45.53 -8.80
C LYS D 264 6.32 44.77 -7.99
N TYR D 265 6.63 43.52 -7.65
CA TYR D 265 5.81 42.76 -6.70
C TYR D 265 6.31 43.02 -5.29
N GLU D 266 7.19 44.00 -5.16
CA GLU D 266 7.93 44.23 -3.92
C GLU D 266 7.07 44.76 -2.77
N SER D 267 6.07 45.60 -3.08
CA SER D 267 5.15 46.03 -2.03
C SER D 267 4.28 44.85 -1.61
N LEU D 268 3.75 44.13 -2.60
CA LEU D 268 2.97 42.92 -2.34
C LEU D 268 3.74 41.90 -1.51
N VAL D 269 5.00 41.62 -1.89
CA VAL D 269 5.83 40.69 -1.12
C VAL D 269 6.12 41.22 0.30
N GLU D 270 6.24 42.55 0.41
CA GLU D 270 6.44 43.19 1.71
C GLU D 270 5.24 43.05 2.63
N LYS D 271 4.05 43.15 2.04
CA LYS D 271 2.80 42.94 2.78
C LYS D 271 2.62 41.46 3.05
N VAL D 272 3.10 40.63 2.13
CA VAL D 272 3.18 39.18 2.34
C VAL D 272 4.07 38.87 3.55
N LYS D 273 5.22 39.52 3.62
CA LYS D 273 6.19 39.30 4.71
C LYS D 273 5.70 39.82 6.05
N GLU D 274 5.07 41.00 6.03
CA GLU D 274 4.60 41.70 7.23
C GLU D 274 3.29 41.12 7.76
N PHE D 275 2.32 40.96 6.87
CA PHE D 275 1.05 40.32 7.19
C PHE D 275 1.27 38.98 7.89
N LEU D 276 2.39 38.34 7.56
CA LEU D 276 2.80 37.07 8.16
C LEU D 276 3.17 37.22 9.64
N SER D 277 3.87 38.31 9.97
CA SER D 277 4.40 38.52 11.32
C SER D 277 3.34 38.91 12.37
N THR D 278 2.07 38.86 11.95
CA THR D 278 0.92 39.22 12.79
C THR D 278 0.13 37.98 13.20
N LEU D 279 0.24 36.94 12.37
CA LEU D 279 -0.56 35.72 12.48
C LEU D 279 -0.24 34.90 13.72
C3' AC2 E . 21.16 -19.14 -19.28
O3' AC2 E . 20.72 -20.50 -19.50
C2' AC2 E . 20.41 -18.20 -20.19
O1' AC2 E . 19.03 -18.18 -19.83
C1' AC2 E . 18.68 -17.00 -19.11
N9 AC2 E . 18.74 -17.25 -17.68
C8 AC2 E . 19.79 -17.02 -16.88
N7 AC2 E . 19.49 -17.38 -15.61
C5 AC2 E . 18.23 -17.86 -15.62
C6 AC2 E . 17.39 -18.37 -14.63
O6 AC2 E . 17.81 -18.47 -13.33
N1 AC2 E . 16.15 -18.78 -14.95
C2 AC2 E . 15.71 -18.70 -16.23
N2 AC2 E . 14.47 -19.12 -16.51
N3 AC2 E . 16.51 -18.20 -17.21
C4 AC2 E . 17.77 -17.78 -16.93
N1 UDP F . 8.22 -23.63 -31.33
C2 UDP F . 7.80 -24.23 -32.53
N3 UDP F . 7.10 -25.42 -32.50
C4 UDP F . 6.83 -26.02 -31.28
C5 UDP F . 7.26 -25.44 -30.09
C6 UDP F . 8.12 -24.35 -30.17
O2 UDP F . 8.04 -23.70 -33.62
O4 UDP F . 6.20 -27.09 -31.25
C1' UDP F . 8.96 -22.36 -31.33
C2' UDP F . 8.22 -21.21 -30.66
O2' UDP F . 7.25 -20.58 -31.48
C3' UDP F . 9.34 -20.27 -30.27
C4' UDP F . 10.55 -21.19 -30.12
O4' UDP F . 10.17 -22.45 -30.60
O3' UDP F . 9.57 -19.33 -31.31
C5' UDP F . 11.01 -21.30 -28.66
O5' UDP F . 9.93 -21.80 -27.89
PA UDP F . 9.65 -21.30 -26.39
O1A UDP F . 10.01 -19.88 -26.19
O2A UDP F . 8.22 -21.53 -26.02
O3A UDP F . 10.64 -22.25 -25.59
PB UDP F . 10.85 -22.11 -24.01
O1B UDP F . 9.66 -21.49 -23.42
O2B UDP F . 12.03 -21.26 -23.69
O3B UDP F . 11.07 -23.48 -23.50
C3' AC2 G . 30.39 0.07 11.00
O3' AC2 G . 29.19 -0.22 11.71
C2' AC2 G . 30.82 -1.13 10.17
O1' AC2 G . 29.73 -1.62 9.39
C1' AC2 G . 29.76 -1.11 8.05
N9 AC2 G . 28.55 -1.51 7.34
C8 AC2 G . 28.44 -1.65 6.01
N7 AC2 G . 27.17 -2.01 5.72
C5 AC2 G . 26.49 -2.11 6.86
C6 AC2 G . 25.17 -2.46 7.19
O6 AC2 G . 24.25 -2.78 6.24
N1 AC2 G . 24.79 -2.46 8.47
C2 AC2 G . 25.67 -2.14 9.44
N2 AC2 G . 25.27 -2.14 10.72
N3 AC2 G . 26.95 -1.80 9.16
C4 AC2 G . 27.37 -1.79 7.88
N1 UDP H . 34.09 3.76 23.95
C2 UDP H . 34.54 4.55 25.00
N3 UDP H . 33.63 5.16 25.84
C4 UDP H . 32.28 5.01 25.61
C5 UDP H . 31.81 4.22 24.55
C6 UDP H . 32.74 3.62 23.71
O2 UDP H . 35.75 4.70 25.23
O4 UDP H . 31.50 5.58 26.35
C1' UDP H . 35.08 3.09 23.09
C2' UDP H . 34.95 1.58 23.23
O2' UDP H . 35.74 1.10 24.31
C3' UDP H . 35.43 1.09 21.89
C4' UDP H . 35.17 2.23 20.92
O4' UDP H . 34.90 3.38 21.70
O3' UDP H . 36.81 0.84 21.98
C5' UDP H . 34.01 1.93 19.99
O5' UDP H . 32.83 1.69 20.75
PA UDP H . 31.77 0.55 20.33
O1A UDP H . 32.39 -0.69 19.81
O2A UDP H . 30.92 0.23 21.50
O3A UDP H . 31.04 1.34 19.13
PB UDP H . 29.89 0.76 18.17
O1B UDP H . 29.52 -0.60 18.59
O2B UDP H . 30.36 0.70 16.78
O3B UDP H . 28.79 1.75 18.27
N1 UDP I . -40.26 -11.87 8.39
C2 UDP I . -41.03 -12.95 8.81
N3 UDP I . -40.53 -13.83 9.74
C4 UDP I . -39.25 -13.66 10.26
C5 UDP I . -38.49 -12.57 9.84
C6 UDP I . -38.93 -11.82 8.75
O2 UDP I . -42.16 -13.12 8.35
O4 UDP I . -38.80 -14.45 11.09
C1' UDP I . -40.80 -10.90 7.41
C2' UDP I . -41.13 -9.58 8.10
O2' UDP I . -42.45 -9.20 7.81
C3' UDP I . -40.14 -8.58 7.53
C4' UDP I . -39.61 -9.24 6.26
O4' UDP I . -39.88 -10.62 6.36
O3' UDP I . -40.75 -7.35 7.26
C5' UDP I . -38.12 -8.99 6.03
O5' UDP I . -37.48 -8.62 7.23
PA UDP I . -36.53 -7.32 7.34
O1A UDP I . -37.35 -6.14 7.69
O2A UDP I . -35.49 -7.54 8.37
O3A UDP I . -35.88 -7.10 5.88
PB UDP I . -34.40 -6.48 5.72
O1B UDP I . -33.45 -7.37 6.42
O2B UDP I . -34.33 -5.11 6.28
O3B UDP I . -34.09 -6.42 4.27
C3' AC2 J . -13.49 28.84 -14.53
O3' AC2 J . -13.17 27.72 -15.36
C2' AC2 J . -13.99 28.30 -13.20
O1' AC2 J . -12.93 27.62 -12.54
C1' AC2 J . -13.04 26.21 -12.64
N9 AC2 J . -13.67 25.69 -11.43
C8 AC2 J . -14.93 25.28 -11.33
N7 AC2 J . -15.16 24.89 -10.06
C5 AC2 J . -14.01 25.05 -9.37
C6 AC2 J . -13.66 24.81 -8.04
O6 AC2 J . -14.58 24.31 -7.18
N1 AC2 J . -12.40 25.09 -7.63
C2 AC2 J . -11.49 25.59 -8.50
N2 AC2 J . -10.24 25.85 -8.06
N3 AC2 J . -11.82 25.83 -9.78
C4 AC2 J . -13.08 25.57 -10.24
N1 UDP K . -0.62 37.72 -16.20
C2 UDP K . -0.29 39.04 -16.48
N3 UDP K . -0.15 39.96 -15.46
C4 UDP K . -0.33 39.56 -14.14
C5 UDP K . -0.65 38.24 -13.86
C6 UDP K . -0.99 37.40 -14.92
O2 UDP K . -0.11 39.42 -17.64
O4 UDP K . -0.21 40.36 -13.23
C1' UDP K . -0.77 36.72 -17.28
C2' UDP K . -0.09 35.41 -16.86
O2' UDP K . 1.07 35.16 -17.63
C3' UDP K . -1.15 34.33 -17.01
C4' UDP K . -2.45 35.06 -17.36
O4' UDP K . -2.14 36.44 -17.53
O3' UDP K . -0.82 33.39 -18.02
C5' UDP K . -3.59 34.85 -16.35
O5' UDP K . -3.26 35.13 -15.00
PA UDP K . -2.68 34.01 -13.99
O1A UDP K . -2.69 32.66 -14.63
O2A UDP K . -1.31 34.38 -13.58
O3A UDP K . -3.62 34.03 -12.67
PB UDP K . -4.84 33.03 -12.33
O1B UDP K . -4.40 31.93 -11.43
O2B UDP K . -5.38 32.43 -13.57
O3B UDP K . -5.88 33.80 -11.61
#